data_7NZE
#
_entry.id   7NZE
#
_cell.length_a   122.418
_cell.length_b   71.840
_cell.length_c   125.721
_cell.angle_alpha   90.000
_cell.angle_beta   111.331
_cell.angle_gamma   90.000
#
_symmetry.space_group_name_H-M   'C 1 2 1'
#
loop_
_entity.id
_entity.type
_entity.pdbx_description
1 polymer 'HLA class II histocompatibility antigen, DR alpha chain'
2 polymer 'HLA class II histocompatibility antigen DR beta chain'
3 polymer 'Collagen alpha-1(II) chain'
4 non-polymer 2-acetamido-2-deoxy-beta-D-glucopyranose
5 non-polymer GLYCEROL
6 water water
#
loop_
_entity_poly.entity_id
_entity_poly.type
_entity_poly.pdbx_seq_one_letter_code
_entity_poly.pdbx_strand_id
1 'polypeptide(L)'
;KEEHVIIQAEFYLNPDQSGEFMFDFDGDEIFHVDMAKKETVWRLREFGRFASFEAQGALANIAVDKANLEIMTKRSNYTP
ITNVPPEVTVLTNSPVELREPNVLICFIDKFTPPVVNVTWLRNGKPVTTGVSETVFLPREDHLFRKFHYLPFLPSTEDVY
DCRVEHWGLDEPLLKHWEFDAS
;
AAA,CCC
2 'polypeptide(L)'
;GDTRPRFLEQVKHECHFFNGTERVRFLDRYFYHQEEYVRFDSDVGEYRAVTELGRPDAEYWNSQKDLLEQKRAAVDTYCR
HNYGVGESFTVQRRVYPEVTVYPAKTQPLQHHNLLVCSVNGFYPGSIEVRWFRNGQEEKTGVVSTGLIQNGDWTFQTLVM
LETVPRSGEVYTCQVEHPSLTSPLTVEWRAR
;
BBB,DDD
3 'polypeptide(L)' GIAGFKGEQGPKGEP EEE,FFF
#
# COMPACT_ATOMS: atom_id res chain seq x y z
N GLU A 2 -22.76 1.11 3.78
CA GLU A 2 -22.37 0.53 5.07
C GLU A 2 -22.00 1.64 6.06
N GLU A 3 -22.44 1.57 7.31
CA GLU A 3 -22.23 2.66 8.29
C GLU A 3 -21.05 2.31 9.20
N HIS A 4 -20.90 1.09 9.71
CA HIS A 4 -19.83 0.76 10.70
C HIS A 4 -19.45 -0.71 10.61
N VAL A 5 -18.28 -1.03 11.16
CA VAL A 5 -17.70 -2.40 11.19
C VAL A 5 -17.00 -2.58 12.53
N ILE A 6 -17.34 -3.62 13.29
CA ILE A 6 -16.54 -4.05 14.47
C ILE A 6 -15.91 -5.39 14.15
N ILE A 7 -14.63 -5.53 14.39
CA ILE A 7 -13.90 -6.79 14.13
C ILE A 7 -13.13 -7.11 15.40
N GLN A 8 -13.41 -8.30 15.93
CA GLN A 8 -12.58 -9.01 16.92
C GLN A 8 -11.55 -9.78 16.12
N ALA A 9 -10.30 -9.30 16.11
CA ALA A 9 -9.19 -9.88 15.32
C ALA A 9 -8.24 -10.53 16.30
N GLU A 10 -7.74 -11.71 15.98
CA GLU A 10 -6.84 -12.49 16.84
C GLU A 10 -5.75 -13.01 15.91
N PHE A 11 -4.56 -13.24 16.44
CA PHE A 11 -3.57 -14.04 15.71
C PHE A 11 -2.80 -14.86 16.72
N TYR A 12 -2.21 -15.93 16.19
CA TYR A 12 -1.18 -16.71 16.92
C TYR A 12 -0.04 -16.94 15.92
N LEU A 13 1.19 -16.79 16.39
CA LEU A 13 2.42 -16.85 15.59
C LEU A 13 3.40 -17.82 16.24
N ASN A 14 3.88 -18.79 15.47
CA ASN A 14 4.95 -19.74 15.85
C ASN A 14 6.20 -19.48 15.00
N PRO A 15 7.41 -19.79 15.53
CA PRO A 15 7.57 -20.36 16.87
C PRO A 15 7.75 -19.33 18.01
N ASP A 16 7.30 -18.10 17.74
CA ASP A 16 7.49 -16.95 18.66
C ASP A 16 6.54 -17.03 19.87
N GLN A 17 5.45 -17.79 19.76
CA GLN A 17 4.40 -17.96 20.81
C GLN A 17 3.83 -16.58 21.19
N SER A 18 3.51 -15.76 20.19
CA SER A 18 2.83 -14.45 20.34
C SER A 18 1.39 -14.62 19.86
N GLY A 19 0.48 -14.13 20.68
CA GLY A 19 -0.95 -14.07 20.39
C GLY A 19 -1.46 -12.69 20.65
N GLU A 20 -2.50 -12.32 19.92
CA GLU A 20 -3.15 -11.03 20.14
C GLU A 20 -4.64 -11.27 20.04
N PHE A 21 -5.34 -10.49 20.80
CA PHE A 21 -6.79 -10.39 20.78
C PHE A 21 -7.14 -8.91 20.88
N MET A 22 -7.87 -8.38 19.91
CA MET A 22 -8.31 -6.97 19.97
C MET A 22 -9.65 -6.78 19.32
N PHE A 23 -10.35 -5.71 19.70
CA PHE A 23 -11.50 -5.18 18.94
C PHE A 23 -11.12 -3.91 18.16
N ASP A 24 -11.61 -3.81 16.94
CA ASP A 24 -11.42 -2.72 15.96
C ASP A 24 -12.80 -2.16 15.62
N PHE A 25 -13.04 -0.86 15.85
CA PHE A 25 -14.24 -0.16 15.37
C PHE A 25 -13.81 0.84 14.28
N ASP A 26 -14.27 0.66 13.03
CA ASP A 26 -13.95 1.53 11.87
C ASP A 26 -12.44 1.88 11.80
N GLY A 27 -11.54 0.92 12.05
CA GLY A 27 -10.07 1.07 11.94
C GLY A 27 -9.40 1.53 13.25
N ASP A 28 -10.16 1.88 14.29
CA ASP A 28 -9.55 2.24 15.61
C ASP A 28 -9.70 1.07 16.62
N GLU A 29 -8.71 0.85 17.50
CA GLU A 29 -8.70 -0.13 18.59
C GLU A 29 -9.64 0.27 19.73
N ILE A 30 -10.66 -0.55 20.09
CA ILE A 30 -11.43 -0.30 21.35
C ILE A 30 -10.51 -0.77 22.48
N PHE A 31 -9.95 -1.98 22.36
CA PHE A 31 -9.17 -2.60 23.47
C PHE A 31 -8.40 -3.77 22.88
N HIS A 32 -7.39 -4.21 23.62
CA HIS A 32 -6.79 -5.55 23.37
C HIS A 32 -6.63 -6.26 24.71
N VAL A 33 -6.24 -7.51 24.72
CA VAL A 33 -5.96 -8.25 25.97
C VAL A 33 -4.45 -8.56 26.05
N ASP A 34 -3.81 -8.08 27.13
CA ASP A 34 -2.40 -8.37 27.42
C ASP A 34 -2.38 -9.81 27.92
N MET A 35 -1.91 -10.71 27.05
CA MET A 35 -1.89 -12.18 27.28
C MET A 35 -1.05 -12.48 28.54
N ALA A 36 0.10 -11.80 28.66
CA ALA A 36 1.12 -11.95 29.75
C ALA A 36 0.52 -11.55 31.10
N LYS A 37 -0.10 -10.36 31.22
CA LYS A 37 -0.72 -9.85 32.49
C LYS A 37 -2.17 -10.35 32.61
N LYS A 38 -2.71 -10.98 31.55
CA LYS A 38 -4.11 -11.49 31.53
C LYS A 38 -5.06 -10.33 31.77
N GLU A 39 -4.86 -9.17 31.13
CA GLU A 39 -5.78 -8.05 31.45
C GLU A 39 -6.23 -7.30 30.19
N THR A 40 -7.43 -6.74 30.29
CA THR A 40 -8.09 -5.93 29.25
C THR A 40 -7.43 -4.58 29.25
N VAL A 41 -6.94 -4.10 28.09
CA VAL A 41 -6.25 -2.78 27.98
C VAL A 41 -7.03 -1.90 27.02
N TRP A 42 -7.61 -0.87 27.56
CA TRP A 42 -8.53 0.04 26.83
C TRP A 42 -7.64 0.99 26.03
N ARG A 43 -8.02 1.33 24.82
CA ARG A 43 -7.19 2.22 23.98
C ARG A 43 -7.19 3.65 24.55
N LEU A 44 -8.37 4.12 24.96
CA LEU A 44 -8.57 5.34 25.77
C LEU A 44 -9.14 4.91 27.12
N ARG A 45 -8.57 5.43 28.20
CA ARG A 45 -9.03 5.23 29.60
C ARG A 45 -10.56 5.28 29.67
N GLU A 46 -11.17 6.31 29.07
CA GLU A 46 -12.64 6.60 29.19
CA GLU A 46 -12.63 6.59 29.24
C GLU A 46 -13.46 5.36 28.83
N PHE A 47 -12.97 4.55 27.87
CA PHE A 47 -13.75 3.38 27.37
C PHE A 47 -14.09 2.42 28.54
N GLY A 48 -13.10 2.14 29.40
CA GLY A 48 -13.15 1.14 30.48
C GLY A 48 -14.10 1.59 31.55
N ARG A 49 -14.47 2.85 31.55
CA ARG A 49 -15.50 3.41 32.45
C ARG A 49 -16.88 2.95 31.96
N PHE A 50 -17.08 2.83 30.65
CA PHE A 50 -18.45 2.60 30.09
C PHE A 50 -18.66 1.12 29.73
N ALA A 51 -17.58 0.37 29.54
CA ALA A 51 -17.73 -1.03 29.08
C ALA A 51 -16.69 -1.87 29.82
N SER A 52 -16.90 -3.21 29.83
CA SER A 52 -15.97 -4.22 30.41
C SER A 52 -15.73 -5.33 29.40
N PHE A 53 -14.65 -6.05 29.63
CA PHE A 53 -14.35 -7.30 28.89
C PHE A 53 -13.65 -8.24 29.87
N GLU A 54 -14.18 -9.45 29.99
CA GLU A 54 -13.48 -10.51 30.77
C GLU A 54 -12.32 -11.06 29.93
N ALA A 55 -11.10 -10.74 30.37
CA ALA A 55 -9.83 -11.08 29.69
C ALA A 55 -9.71 -12.60 29.51
N GLN A 56 -10.21 -13.38 30.46
CA GLN A 56 -10.15 -14.85 30.42
C GLN A 56 -10.71 -15.37 29.08
N GLY A 57 -11.87 -14.91 28.61
CA GLY A 57 -12.37 -15.30 27.27
C GLY A 57 -11.31 -15.21 26.18
N ALA A 58 -10.49 -14.17 26.23
CA ALA A 58 -9.42 -13.97 25.23
C ALA A 58 -8.37 -15.06 25.34
N LEU A 59 -7.89 -15.37 26.54
CA LEU A 59 -6.81 -16.37 26.70
C LEU A 59 -7.30 -17.68 26.09
N ALA A 60 -8.58 -18.00 26.31
CA ALA A 60 -9.22 -19.27 25.89
C ALA A 60 -9.22 -19.29 24.35
N ASN A 61 -9.70 -18.21 23.71
CA ASN A 61 -9.71 -18.08 22.23
CA ASN A 61 -9.70 -18.06 22.23
C ASN A 61 -8.29 -18.31 21.69
N ILE A 62 -7.28 -17.70 22.33
CA ILE A 62 -5.87 -17.76 21.86
C ILE A 62 -5.37 -19.18 21.99
N ALA A 63 -5.68 -19.88 23.08
CA ALA A 63 -5.31 -21.31 23.25
C ALA A 63 -5.85 -22.15 22.06
N VAL A 64 -7.10 -21.98 21.67
CA VAL A 64 -7.74 -22.69 20.51
C VAL A 64 -7.07 -22.24 19.20
N ASP A 65 -6.83 -20.94 18.99
CA ASP A 65 -6.11 -20.40 17.81
C ASP A 65 -4.75 -21.08 17.65
N LYS A 66 -3.98 -21.21 18.74
CA LYS A 66 -2.68 -21.95 18.78
C LYS A 66 -2.86 -23.43 18.40
N ALA A 67 -3.76 -24.19 19.01
CA ALA A 67 -4.03 -25.60 18.61
C ALA A 67 -4.39 -25.63 17.11
N ASN A 68 -5.28 -24.74 16.66
CA ASN A 68 -5.72 -24.65 15.25
C ASN A 68 -4.51 -24.31 14.37
N LEU A 69 -3.59 -23.47 14.80
CA LEU A 69 -2.42 -23.14 13.94
C LEU A 69 -1.60 -24.43 13.77
N GLU A 70 -1.42 -25.22 14.82
CA GLU A 70 -0.51 -26.40 14.76
C GLU A 70 -1.14 -27.48 13.86
N ILE A 71 -2.46 -27.61 13.87
CA ILE A 71 -3.19 -28.42 12.86
C ILE A 71 -2.94 -27.88 11.44
N MET A 72 -3.15 -26.58 11.19
CA MET A 72 -3.06 -25.96 9.85
C MET A 72 -1.64 -26.06 9.33
N THR A 73 -0.65 -25.75 10.16
CA THR A 73 0.80 -25.87 9.88
C THR A 73 1.00 -27.24 9.24
N LYS A 74 0.68 -28.32 9.98
CA LYS A 74 0.87 -29.72 9.52
C LYS A 74 0.00 -29.96 8.29
N ARG A 75 -1.23 -29.45 8.27
CA ARG A 75 -2.13 -29.67 7.12
C ARG A 75 -1.51 -29.01 5.88
N SER A 76 -0.90 -27.80 6.02
CA SER A 76 -0.27 -27.03 4.91
C SER A 76 1.00 -27.73 4.37
N ASN A 77 1.42 -28.78 5.04
CA ASN A 77 2.74 -29.42 4.84
C ASN A 77 3.83 -28.40 5.21
N TYR A 78 3.63 -27.60 6.25
CA TYR A 78 4.69 -26.73 6.83
C TYR A 78 5.07 -25.61 5.84
N THR A 79 4.12 -25.17 5.01
CA THR A 79 4.12 -23.92 4.22
C THR A 79 4.29 -22.71 5.13
N PRO A 80 5.49 -22.06 5.14
CA PRO A 80 5.73 -20.92 6.00
C PRO A 80 5.12 -19.64 5.42
N ILE A 81 5.01 -18.64 6.25
CA ILE A 81 4.52 -17.29 5.86
C ILE A 81 5.61 -16.63 4.99
N THR A 82 5.20 -15.84 3.99
CA THR A 82 6.14 -14.95 3.24
C THR A 82 6.14 -13.58 3.91
N ASN A 83 7.34 -13.09 4.23
CA ASN A 83 7.63 -11.77 4.81
C ASN A 83 7.20 -10.66 3.86
N VAL A 84 6.37 -9.72 4.31
CA VAL A 84 6.01 -8.52 3.51
C VAL A 84 6.53 -7.33 4.30
N PRO A 85 7.54 -6.58 3.78
CA PRO A 85 8.14 -5.48 4.54
C PRO A 85 7.15 -4.32 4.63
N PRO A 86 7.26 -3.53 5.72
CA PRO A 86 6.36 -2.39 5.97
C PRO A 86 6.65 -1.13 5.13
N GLU A 87 5.63 -0.33 4.88
CA GLU A 87 5.74 1.10 4.52
C GLU A 87 5.78 1.84 5.86
N VAL A 88 6.57 2.89 5.95
CA VAL A 88 6.70 3.66 7.20
C VAL A 88 6.54 5.12 6.85
N THR A 89 5.76 5.83 7.65
CA THR A 89 5.45 7.26 7.44
C THR A 89 5.65 7.95 8.78
N VAL A 90 6.33 9.10 8.83
CA VAL A 90 6.45 9.90 10.09
C VAL A 90 5.67 11.17 9.89
N LEU A 91 4.80 11.53 10.81
CA LEU A 91 4.16 12.87 10.72
C LEU A 91 3.98 13.41 12.14
N THR A 92 3.58 14.67 12.25
CA THR A 92 3.31 15.24 13.60
C THR A 92 1.81 15.11 13.84
N ASN A 93 1.47 15.09 15.13
CA ASN A 93 0.10 15.17 15.67
C ASN A 93 -0.51 16.48 15.23
N SER A 94 0.25 17.56 15.29
CA SER A 94 -0.29 18.92 15.00
C SER A 94 0.81 19.75 14.37
N PRO A 95 0.45 20.91 13.83
CA PRO A 95 1.43 21.86 13.31
C PRO A 95 2.53 22.21 14.32
N VAL A 96 3.75 22.28 13.81
CA VAL A 96 4.99 22.42 14.61
C VAL A 96 5.26 23.89 14.86
N GLU A 97 5.49 24.20 16.14
CA GLU A 97 5.99 25.52 16.60
C GLU A 97 7.13 25.28 17.58
N LEU A 98 8.23 26.00 17.39
CA LEU A 98 9.37 25.96 18.33
C LEU A 98 8.83 26.09 19.75
N ARG A 99 9.27 25.17 20.62
CA ARG A 99 9.01 25.14 22.09
C ARG A 99 7.52 24.97 22.35
N GLU A 100 6.75 24.38 21.43
CA GLU A 100 5.32 24.02 21.65
C GLU A 100 5.22 22.51 21.64
N PRO A 101 4.95 21.88 22.79
CA PRO A 101 4.89 20.43 22.89
C PRO A 101 4.06 19.80 21.77
N ASN A 102 4.58 18.73 21.22
CA ASN A 102 3.97 18.11 20.02
C ASN A 102 4.23 16.60 20.09
N VAL A 103 3.71 15.83 19.13
CA VAL A 103 3.94 14.37 19.11
C VAL A 103 4.37 13.98 17.70
N LEU A 104 5.42 13.18 17.60
CA LEU A 104 5.77 12.53 16.34
C LEU A 104 5.03 11.20 16.31
N ILE A 105 4.44 10.88 15.15
CA ILE A 105 3.77 9.59 14.89
C ILE A 105 4.53 8.80 13.82
N CYS A 106 4.88 7.54 14.13
CA CYS A 106 5.48 6.60 13.18
C CYS A 106 4.41 5.54 12.81
N PHE A 107 3.94 5.59 11.57
CA PHE A 107 2.86 4.73 11.07
C PHE A 107 3.55 3.64 10.26
N ILE A 108 3.43 2.40 10.71
CA ILE A 108 4.06 1.23 10.06
C ILE A 108 2.91 0.43 9.48
N ASP A 109 2.96 0.17 8.18
CA ASP A 109 1.76 -0.28 7.44
C ASP A 109 2.14 -1.41 6.47
N LYS A 110 1.12 -2.22 6.16
CA LYS A 110 1.10 -3.23 5.08
C LYS A 110 2.22 -4.26 5.27
N PHE A 111 2.37 -4.82 6.46
CA PHE A 111 3.46 -5.78 6.72
C PHE A 111 2.91 -7.09 7.33
N THR A 112 3.67 -8.18 7.19
CA THR A 112 3.48 -9.45 7.95
C THR A 112 4.83 -10.18 7.90
N PRO A 113 5.22 -11.00 8.91
CA PRO A 113 4.40 -11.27 10.10
C PRO A 113 4.31 -10.13 11.11
N PRO A 114 3.39 -10.17 12.12
CA PRO A 114 3.23 -9.05 13.06
C PRO A 114 4.33 -9.14 14.11
N VAL A 115 5.56 -8.92 13.64
CA VAL A 115 6.76 -8.75 14.50
C VAL A 115 7.58 -7.57 13.92
N VAL A 116 7.89 -6.59 14.78
CA VAL A 116 8.67 -5.40 14.34
C VAL A 116 9.44 -4.82 15.54
N ASN A 117 10.68 -4.36 15.36
CA ASN A 117 11.40 -3.49 16.33
C ASN A 117 11.37 -2.04 15.82
N VAL A 118 10.85 -1.16 16.67
CA VAL A 118 10.75 0.28 16.40
C VAL A 118 11.61 1.04 17.43
N THR A 119 12.51 1.91 16.96
CA THR A 119 13.38 2.80 17.77
C THR A 119 13.19 4.24 17.26
N TRP A 120 12.86 5.14 18.16
CA TRP A 120 12.94 6.59 17.92
C TRP A 120 14.39 7.06 18.14
N LEU A 121 14.97 7.72 17.11
CA LEU A 121 16.34 8.32 17.12
C LEU A 121 16.21 9.83 16.99
N ARG A 122 16.74 10.52 17.98
CA ARG A 122 16.98 11.99 17.99
C ARG A 122 18.47 12.14 17.80
N ASN A 123 18.88 12.74 16.68
CA ASN A 123 20.29 13.04 16.40
C ASN A 123 21.00 11.71 16.42
N GLY A 124 20.39 10.65 15.85
CA GLY A 124 21.10 9.36 15.73
C GLY A 124 21.05 8.49 16.99
N LYS A 125 20.44 8.96 18.08
CA LYS A 125 20.48 8.31 19.41
C LYS A 125 19.09 7.96 19.90
N PRO A 126 18.92 6.74 20.48
CA PRO A 126 17.63 6.25 20.96
C PRO A 126 17.08 7.17 22.03
N VAL A 127 15.82 7.55 21.88
CA VAL A 127 15.04 8.25 22.95
C VAL A 127 13.78 7.42 23.26
N THR A 128 13.37 7.43 24.52
CA THR A 128 12.16 6.68 25.01
C THR A 128 11.32 7.50 26.01
N THR A 129 11.72 8.70 26.43
CA THR A 129 10.87 9.48 27.36
C THR A 129 9.49 9.66 26.74
N GLY A 130 8.48 9.15 27.42
CA GLY A 130 7.06 9.29 27.07
C GLY A 130 6.62 8.50 25.85
N VAL A 131 7.42 7.61 25.27
CA VAL A 131 7.00 6.88 24.06
C VAL A 131 5.82 5.96 24.36
N SER A 132 5.07 5.62 23.34
CA SER A 132 4.01 4.58 23.47
C SER A 132 3.76 4.04 22.08
N GLU A 133 2.96 3.00 21.98
CA GLU A 133 2.79 2.25 20.72
C GLU A 133 1.46 1.49 20.83
N THR A 134 0.82 1.23 19.70
CA THR A 134 -0.36 0.36 19.59
C THR A 134 0.09 -1.09 19.45
N VAL A 135 -0.84 -2.02 19.68
CA VAL A 135 -0.63 -3.42 19.26
C VAL A 135 -0.76 -3.42 17.74
N PHE A 136 -0.66 -4.60 17.13
CA PHE A 136 -0.78 -4.78 15.67
C PHE A 136 -2.26 -4.71 15.31
N LEU A 137 -2.60 -3.80 14.42
CA LEU A 137 -3.97 -3.56 13.99
C LEU A 137 -4.17 -4.25 12.64
N PRO A 138 -5.34 -4.89 12.48
CA PRO A 138 -5.67 -5.64 11.28
C PRO A 138 -6.00 -4.77 10.07
N ARG A 139 -5.73 -5.26 8.86
CA ARG A 139 -6.03 -4.61 7.57
C ARG A 139 -7.01 -5.51 6.83
N GLU A 140 -7.79 -4.99 5.88
CA GLU A 140 -8.74 -5.77 5.08
C GLU A 140 -7.99 -6.76 4.15
N ASP A 141 -6.70 -6.57 3.89
CA ASP A 141 -5.88 -7.50 3.05
C ASP A 141 -5.11 -8.47 3.97
N HIS A 142 -5.38 -8.49 5.27
CA HIS A 142 -4.87 -9.48 6.28
C HIS A 142 -3.39 -9.21 6.61
N LEU A 143 -2.87 -8.07 6.16
CA LEU A 143 -1.56 -7.53 6.61
C LEU A 143 -1.82 -6.73 7.90
N PHE A 144 -0.77 -6.16 8.50
CA PHE A 144 -0.92 -5.40 9.76
C PHE A 144 -0.50 -3.94 9.59
N ARG A 145 -0.99 -3.12 10.51
CA ARG A 145 -0.67 -1.70 10.77
C ARG A 145 -0.19 -1.57 12.23
N LYS A 146 0.59 -0.55 12.59
CA LYS A 146 1.04 -0.24 13.98
C LYS A 146 1.41 1.26 14.07
N PHE A 147 1.09 1.92 15.20
CA PHE A 147 1.50 3.32 15.46
C PHE A 147 2.44 3.37 16.65
N HIS A 148 3.56 4.07 16.50
CA HIS A 148 4.39 4.53 17.63
C HIS A 148 4.41 6.04 17.77
N TYR A 149 4.55 6.51 18.99
CA TYR A 149 4.39 7.92 19.34
C TYR A 149 5.61 8.37 20.16
N LEU A 150 6.11 9.57 19.84
CA LEU A 150 7.14 10.30 20.62
C LEU A 150 6.74 11.75 20.85
N PRO A 151 6.39 12.10 22.12
CA PRO A 151 6.24 13.47 22.55
C PRO A 151 7.60 14.17 22.43
N PHE A 152 7.60 15.43 22.02
CA PHE A 152 8.87 16.13 21.77
C PHE A 152 8.62 17.60 21.89
N LEU A 153 9.70 18.32 22.16
CA LEU A 153 9.77 19.78 22.15
C LEU A 153 10.44 20.19 20.86
N PRO A 154 9.77 20.85 19.90
CA PRO A 154 10.43 21.18 18.66
C PRO A 154 11.57 22.18 18.88
N SER A 155 12.62 21.99 18.11
CA SER A 155 13.95 22.65 18.24
C SER A 155 14.64 22.64 16.89
N THR A 156 15.40 23.68 16.57
CA THR A 156 16.27 23.76 15.37
C THR A 156 17.50 22.84 15.50
N GLU A 157 17.88 22.40 16.71
CA GLU A 157 19.09 21.56 16.86
C GLU A 157 18.79 20.07 16.66
N ASP A 158 17.53 19.62 16.66
CA ASP A 158 17.24 18.17 16.70
C ASP A 158 16.76 17.68 15.34
N VAL A 159 17.20 16.50 14.93
CA VAL A 159 16.53 15.71 13.85
C VAL A 159 16.05 14.39 14.45
N TYR A 160 15.07 13.78 13.83
CA TYR A 160 14.44 12.53 14.29
C TYR A 160 14.35 11.52 13.15
N ASP A 161 14.45 10.25 13.53
CA ASP A 161 14.19 9.09 12.64
C ASP A 161 13.37 8.10 13.46
N CYS A 162 12.38 7.54 12.78
CA CYS A 162 11.71 6.27 13.14
C CYS A 162 12.47 5.15 12.45
N ARG A 163 13.19 4.34 13.23
CA ARG A 163 13.99 3.20 12.71
CA ARG A 163 14.01 3.20 12.73
C ARG A 163 13.15 1.92 12.84
N VAL A 164 12.84 1.27 11.73
CA VAL A 164 11.98 0.05 11.70
C VAL A 164 12.79 -1.15 11.21
N GLU A 165 12.88 -2.20 12.04
CA GLU A 165 13.45 -3.54 11.70
C GLU A 165 12.31 -4.53 11.57
N HIS A 166 12.31 -5.24 10.46
CA HIS A 166 11.34 -6.28 10.09
C HIS A 166 12.10 -7.31 9.24
N TRP A 167 11.67 -8.57 9.27
CA TRP A 167 12.39 -9.68 8.58
C TRP A 167 12.33 -9.54 7.05
N GLY A 168 11.35 -8.82 6.48
CA GLY A 168 11.22 -8.63 5.02
C GLY A 168 12.11 -7.50 4.46
N LEU A 169 12.72 -6.67 5.32
CA LEU A 169 13.63 -5.55 4.92
C LEU A 169 15.03 -6.13 4.87
N ASP A 170 15.82 -5.88 3.81
CA ASP A 170 17.25 -6.33 3.77
C ASP A 170 18.05 -5.57 4.84
N GLU A 171 17.62 -4.35 5.19
CA GLU A 171 18.28 -3.55 6.24
C GLU A 171 17.23 -2.73 6.97
N PRO A 172 17.56 -2.22 8.17
CA PRO A 172 16.64 -1.34 8.90
C PRO A 172 16.32 -0.11 8.03
N LEU A 173 15.09 0.37 8.18
CA LEU A 173 14.50 1.46 7.40
C LEU A 173 14.35 2.67 8.32
N LEU A 174 15.00 3.80 8.01
CA LEU A 174 14.75 5.07 8.74
C LEU A 174 13.83 5.95 7.91
N LYS A 175 12.83 6.53 8.56
CA LYS A 175 12.00 7.62 8.02
C LYS A 175 12.31 8.86 8.85
N HIS A 176 12.63 9.96 8.17
CA HIS A 176 13.27 11.16 8.72
C HIS A 176 12.21 12.21 9.02
N TRP A 177 12.40 12.98 10.06
CA TRP A 177 11.66 14.24 10.30
C TRP A 177 12.59 15.27 10.95
N GLU A 178 12.49 16.53 10.53
CA GLU A 178 13.14 17.65 11.24
C GLU A 178 12.30 18.88 10.98
N PHE A 179 12.42 19.87 11.85
CA PHE A 179 11.68 21.14 11.78
C PHE A 179 12.18 21.95 10.56
N ASP A 180 11.22 22.43 9.76
CA ASP A 180 11.43 23.31 8.58
C ASP A 180 11.16 24.77 9.00
N ASP B 2 14.79 -13.85 13.78
CA ASP B 2 15.90 -13.89 12.78
C ASP B 2 15.58 -14.98 11.76
N THR B 3 16.16 -16.17 11.96
CA THR B 3 16.50 -17.17 10.92
C THR B 3 15.33 -18.13 10.69
N ARG B 4 14.88 -18.83 11.76
CA ARG B 4 13.80 -19.87 11.77
C ARG B 4 12.55 -19.41 11.00
N PRO B 5 11.77 -20.34 10.39
CA PRO B 5 10.58 -19.96 9.63
C PRO B 5 9.33 -19.72 10.51
N ARG B 6 8.32 -19.01 10.01
CA ARG B 6 7.12 -18.55 10.78
C ARG B 6 5.81 -19.14 10.20
N PHE B 7 4.84 -19.44 11.09
CA PHE B 7 3.45 -19.89 10.75
C PHE B 7 2.46 -19.00 11.50
N LEU B 8 1.42 -18.50 10.85
CA LEU B 8 0.54 -17.47 11.42
C LEU B 8 -0.91 -17.89 11.24
N GLU B 9 -1.66 -17.87 12.32
CA GLU B 9 -3.12 -18.08 12.31
C GLU B 9 -3.75 -16.73 12.59
N GLN B 10 -4.72 -16.32 11.79
CA GLN B 10 -5.62 -15.22 12.20
C GLN B 10 -7.06 -15.73 12.24
N VAL B 11 -7.82 -15.09 13.10
CA VAL B 11 -9.29 -15.18 13.09
C VAL B 11 -9.87 -13.78 13.13
N LYS B 12 -10.88 -13.59 12.31
CA LYS B 12 -11.59 -12.32 12.34
C LYS B 12 -13.06 -12.61 12.52
N HIS B 13 -13.62 -12.03 13.58
CA HIS B 13 -15.05 -12.13 13.85
C HIS B 13 -15.61 -10.78 13.43
N GLU B 14 -16.24 -10.69 12.27
CA GLU B 14 -16.65 -9.38 11.73
C GLU B 14 -18.14 -9.16 11.87
N CYS B 15 -18.51 -7.93 12.23
CA CYS B 15 -19.89 -7.40 12.30
C CYS B 15 -19.96 -6.12 11.44
N HIS B 16 -20.83 -6.20 10.42
CA HIS B 16 -21.10 -5.16 9.40
C HIS B 16 -22.51 -4.61 9.66
N PHE B 17 -22.62 -3.30 9.90
CA PHE B 17 -23.85 -2.59 10.33
C PHE B 17 -24.29 -1.60 9.23
N PHE B 18 -25.57 -1.70 8.85
CA PHE B 18 -26.22 -0.87 7.81
C PHE B 18 -27.44 -0.21 8.47
N ASN B 19 -27.61 1.10 8.34
CA ASN B 19 -28.77 1.86 8.87
C ASN B 19 -28.92 1.49 10.37
N GLY B 20 -28.01 1.99 11.21
CA GLY B 20 -27.94 1.57 12.63
C GLY B 20 -27.56 0.09 12.73
N THR B 21 -28.45 -0.71 13.36
CA THR B 21 -28.40 -2.19 13.45
C THR B 21 -29.54 -2.83 12.65
N GLU B 22 -30.25 -2.07 11.80
CA GLU B 22 -31.40 -2.54 10.98
C GLU B 22 -30.95 -3.73 10.12
N ARG B 23 -29.85 -3.63 9.36
CA ARG B 23 -29.23 -4.83 8.76
C ARG B 23 -27.84 -5.05 9.34
N VAL B 24 -27.57 -6.30 9.73
CA VAL B 24 -26.26 -6.75 10.26
C VAL B 24 -25.80 -7.95 9.44
N ARG B 25 -24.54 -7.99 9.06
CA ARG B 25 -23.95 -9.19 8.46
C ARG B 25 -22.77 -9.62 9.34
N PHE B 26 -22.77 -10.87 9.78
CA PHE B 26 -21.74 -11.50 10.64
C PHE B 26 -20.90 -12.42 9.76
N LEU B 27 -19.58 -12.30 9.82
CA LEU B 27 -18.63 -13.20 9.10
C LEU B 27 -17.62 -13.67 10.12
N ASP B 28 -17.47 -14.99 10.27
CA ASP B 28 -16.38 -15.61 11.06
C ASP B 28 -15.33 -16.04 10.08
N ARG B 29 -14.13 -15.49 10.15
CA ARG B 29 -13.14 -15.69 9.06
C ARG B 29 -11.89 -16.29 9.69
N TYR B 30 -11.31 -17.31 9.07
CA TYR B 30 -10.11 -18.04 9.51
C TYR B 30 -9.01 -17.96 8.43
N PHE B 31 -7.78 -17.66 8.83
CA PHE B 31 -6.66 -17.35 7.90
C PHE B 31 -5.41 -18.10 8.38
N TYR B 32 -4.68 -18.67 7.45
CA TYR B 32 -3.36 -19.30 7.66
C TYR B 32 -2.36 -18.48 6.83
N HIS B 33 -1.53 -17.64 7.47
CA HIS B 33 -0.78 -16.53 6.81
C HIS B 33 -1.81 -15.43 6.49
N GLN B 34 -2.04 -15.16 5.21
CA GLN B 34 -3.07 -14.19 4.78
C GLN B 34 -4.12 -14.95 3.94
N GLU B 35 -4.02 -16.29 3.90
CA GLU B 35 -4.94 -17.11 3.08
C GLU B 35 -6.17 -17.46 3.94
N GLU B 36 -7.32 -16.87 3.60
CA GLU B 36 -8.63 -17.22 4.14
C GLU B 36 -9.00 -18.65 3.70
N TYR B 37 -9.20 -19.57 4.63
CA TYR B 37 -9.37 -21.01 4.31
C TYR B 37 -10.76 -21.52 4.69
N VAL B 38 -11.42 -20.92 5.67
CA VAL B 38 -12.85 -21.26 5.93
C VAL B 38 -13.51 -20.01 6.53
N ARG B 39 -14.81 -19.83 6.26
CA ARG B 39 -15.62 -18.78 6.90
C ARG B 39 -17.08 -19.19 7.08
N PHE B 40 -17.72 -18.58 8.08
CA PHE B 40 -19.20 -18.51 8.29
C PHE B 40 -19.69 -17.12 7.91
N ASP B 41 -20.66 -17.08 7.01
CA ASP B 41 -21.33 -15.86 6.54
C ASP B 41 -22.81 -15.94 6.98
N SER B 42 -23.25 -15.04 7.88
CA SER B 42 -24.67 -14.95 8.32
C SER B 42 -25.62 -14.97 7.11
N ASP B 43 -25.23 -14.43 5.94
CA ASP B 43 -26.13 -14.42 4.75
C ASP B 43 -26.20 -15.83 4.17
N VAL B 44 -25.33 -16.76 4.59
CA VAL B 44 -25.28 -18.14 4.03
C VAL B 44 -25.76 -19.14 5.07
N GLY B 45 -25.44 -18.95 6.35
CA GLY B 45 -26.04 -19.74 7.43
C GLY B 45 -25.26 -21.00 7.78
N GLU B 46 -24.10 -21.23 7.16
CA GLU B 46 -23.21 -22.38 7.47
C GLU B 46 -21.78 -21.99 7.07
N TYR B 47 -20.80 -22.79 7.50
CA TYR B 47 -19.38 -22.70 7.10
C TYR B 47 -19.19 -23.21 5.67
N ARG B 48 -18.31 -22.54 4.93
CA ARG B 48 -17.85 -22.94 3.59
C ARG B 48 -16.31 -22.90 3.60
N ALA B 49 -15.64 -23.91 3.05
CA ALA B 49 -14.21 -23.89 2.72
C ALA B 49 -14.03 -22.84 1.63
N VAL B 50 -13.10 -21.92 1.85
CA VAL B 50 -12.66 -20.96 0.81
C VAL B 50 -11.54 -21.63 0.00
N THR B 51 -10.65 -22.38 0.69
CA THR B 51 -9.53 -23.19 0.09
C THR B 51 -9.61 -24.67 0.51
N GLU B 52 -8.96 -25.53 -0.27
CA GLU B 52 -8.64 -26.95 0.01
C GLU B 52 -8.41 -27.16 1.50
N LEU B 53 -7.54 -26.39 2.13
CA LEU B 53 -7.19 -26.52 3.58
C LEU B 53 -8.42 -26.37 4.49
N GLY B 54 -9.51 -25.72 4.08
CA GLY B 54 -10.68 -25.46 4.94
C GLY B 54 -11.76 -26.54 4.88
N ARG B 55 -11.65 -27.56 4.03
CA ARG B 55 -12.81 -28.48 3.86
C ARG B 55 -12.98 -29.26 5.16
N PRO B 56 -11.90 -29.83 5.78
CA PRO B 56 -12.01 -30.54 7.06
C PRO B 56 -12.83 -29.72 8.07
N ASP B 57 -12.54 -28.43 8.25
CA ASP B 57 -13.20 -27.63 9.34
C ASP B 57 -14.64 -27.35 8.88
N ALA B 58 -14.88 -27.04 7.59
CA ALA B 58 -16.26 -26.85 7.13
C ALA B 58 -17.09 -28.13 7.41
N GLU B 59 -16.54 -29.35 7.25
CA GLU B 59 -17.33 -30.59 7.47
C GLU B 59 -17.48 -30.89 8.96
N TYR B 60 -16.46 -30.62 9.76
CA TYR B 60 -16.49 -30.90 11.20
C TYR B 60 -17.48 -29.93 11.87
N TRP B 61 -17.51 -28.66 11.47
CA TRP B 61 -18.30 -27.59 12.13
C TRP B 61 -19.75 -27.57 11.64
N ASN B 62 -20.01 -27.79 10.36
CA ASN B 62 -21.42 -27.77 9.91
C ASN B 62 -22.21 -28.98 10.46
N SER B 63 -21.54 -30.06 10.84
CA SER B 63 -22.17 -31.24 11.45
C SER B 63 -22.56 -30.92 12.92
N GLN B 64 -22.13 -29.79 13.48
CA GLN B 64 -22.43 -29.46 14.89
C GLN B 64 -23.67 -28.54 14.92
N LYS B 65 -24.85 -29.15 15.01
CA LYS B 65 -26.19 -28.49 15.08
C LYS B 65 -26.17 -27.34 16.10
N ASP B 66 -25.50 -27.53 17.25
CA ASP B 66 -25.49 -26.53 18.35
C ASP B 66 -24.58 -25.37 17.94
N LEU B 67 -23.41 -25.65 17.36
CA LEU B 67 -22.48 -24.61 16.87
C LEU B 67 -23.20 -23.77 15.82
N LEU B 68 -23.86 -24.41 14.86
CA LEU B 68 -24.54 -23.73 13.74
C LEU B 68 -25.66 -22.82 14.26
N GLU B 69 -26.50 -23.33 15.16
CA GLU B 69 -27.59 -22.54 15.79
C GLU B 69 -26.98 -21.30 16.46
N GLN B 70 -25.85 -21.46 17.16
CA GLN B 70 -25.17 -20.36 17.92
C GLN B 70 -24.67 -19.33 16.89
N LYS B 71 -23.96 -19.77 15.83
CA LYS B 71 -23.38 -18.88 14.79
C LYS B 71 -24.51 -18.13 14.07
N ARG B 72 -25.67 -18.75 13.88
CA ARG B 72 -26.83 -18.14 13.19
C ARG B 72 -27.51 -17.09 14.05
N ALA B 73 -27.37 -17.15 15.39
CA ALA B 73 -27.90 -16.12 16.32
C ALA B 73 -26.86 -15.00 16.59
N ALA B 74 -25.63 -15.08 16.09
CA ALA B 74 -24.54 -14.09 16.39
C ALA B 74 -24.90 -12.65 15.98
N VAL B 75 -25.58 -12.41 14.85
CA VAL B 75 -26.05 -11.05 14.47
C VAL B 75 -26.74 -10.40 15.68
N ASP B 76 -27.40 -11.21 16.54
CA ASP B 76 -28.15 -10.74 17.74
C ASP B 76 -27.25 -10.76 18.99
N THR B 77 -26.79 -11.93 19.42
CA THR B 77 -26.11 -12.12 20.72
C THR B 77 -24.73 -11.44 20.72
N TYR B 78 -24.19 -11.20 19.54
CA TYR B 78 -22.79 -10.76 19.36
C TYR B 78 -22.79 -9.37 18.71
N CYS B 79 -23.24 -9.25 17.47
CA CYS B 79 -23.07 -8.02 16.65
C CYS B 79 -23.92 -6.89 17.25
N ARG B 80 -25.23 -7.03 17.26
CA ARG B 80 -26.13 -6.02 17.83
C ARG B 80 -25.78 -5.77 19.30
N HIS B 81 -25.56 -6.82 20.08
CA HIS B 81 -25.14 -6.73 21.50
C HIS B 81 -23.95 -5.75 21.62
N ASN B 82 -22.82 -6.06 21.01
CA ASN B 82 -21.55 -5.28 21.15
C ASN B 82 -21.65 -3.85 20.59
N TYR B 83 -22.40 -3.67 19.50
CA TYR B 83 -22.75 -2.34 18.95
C TYR B 83 -23.43 -1.58 20.06
N GLY B 84 -24.42 -2.19 20.70
CA GLY B 84 -25.15 -1.61 21.84
C GLY B 84 -24.21 -1.18 22.95
N VAL B 85 -23.28 -2.06 23.40
CA VAL B 85 -22.25 -1.79 24.45
C VAL B 85 -21.38 -0.57 24.06
N GLY B 86 -20.92 -0.49 22.82
CA GLY B 86 -19.92 0.53 22.43
C GLY B 86 -20.51 1.86 21.93
N GLU B 87 -21.81 1.91 21.68
CA GLU B 87 -22.51 2.93 20.90
C GLU B 87 -22.19 4.33 21.44
N SER B 88 -22.23 4.54 22.75
CA SER B 88 -22.12 5.88 23.37
C SER B 88 -20.72 6.44 23.14
N PHE B 89 -19.68 5.59 22.98
CA PHE B 89 -18.26 6.08 22.91
C PHE B 89 -17.59 5.80 21.56
N THR B 90 -18.30 5.25 20.60
CA THR B 90 -17.75 4.88 19.26
C THR B 90 -18.59 5.58 18.20
N VAL B 91 -19.79 5.06 18.01
CA VAL B 91 -20.81 5.54 17.05
C VAL B 91 -21.07 7.00 17.37
N GLN B 92 -21.28 7.34 18.64
CA GLN B 92 -21.70 8.73 18.99
C GLN B 92 -20.48 9.55 19.44
N ARG B 93 -19.25 9.05 19.28
CA ARG B 93 -18.03 9.79 19.71
C ARG B 93 -17.92 11.09 18.89
N ARG B 94 -17.86 12.25 19.54
CA ARG B 94 -17.59 13.53 18.81
C ARG B 94 -16.49 14.31 19.51
N VAL B 95 -15.42 14.60 18.77
CA VAL B 95 -14.22 15.29 19.30
C VAL B 95 -13.94 16.52 18.44
N TYR B 96 -13.76 17.65 19.13
CA TYR B 96 -13.79 19.06 18.63
C TYR B 96 -12.53 19.25 17.78
N PRO B 97 -12.60 19.71 16.51
CA PRO B 97 -11.37 20.05 15.75
C PRO B 97 -10.60 21.30 16.23
N GLU B 98 -9.28 21.23 16.12
CA GLU B 98 -8.37 22.38 16.15
C GLU B 98 -8.05 22.79 14.72
N VAL B 99 -8.09 24.10 14.43
CA VAL B 99 -7.85 24.66 13.06
C VAL B 99 -6.69 25.67 13.12
N THR B 100 -5.70 25.47 12.26
CA THR B 100 -4.49 26.33 12.16
C THR B 100 -4.28 26.62 10.68
N VAL B 101 -4.00 27.88 10.37
CA VAL B 101 -3.64 28.36 9.01
C VAL B 101 -2.26 29.01 9.08
N TYR B 102 -1.35 28.53 8.20
CA TYR B 102 -0.02 29.12 7.95
C TYR B 102 0.35 28.94 6.47
N PRO B 103 1.14 29.87 5.92
CA PRO B 103 1.77 29.66 4.62
C PRO B 103 2.81 28.55 4.74
N ALA B 104 2.91 27.64 3.76
CA ALA B 104 3.88 26.53 3.74
C ALA B 104 5.30 27.07 3.83
N LYS B 105 5.56 28.20 3.17
CA LYS B 105 6.89 28.84 3.02
C LYS B 105 6.75 30.30 3.43
N THR B 106 7.76 30.87 4.09
CA THR B 106 7.88 32.35 4.16
C THR B 106 8.23 32.83 2.74
N GLN B 107 7.33 33.58 2.10
CA GLN B 107 7.48 34.12 0.72
C GLN B 107 7.29 35.62 0.84
N PRO B 108 7.86 36.44 -0.09
CA PRO B 108 7.41 37.81 -0.28
C PRO B 108 6.07 37.77 -1.03
N LEU B 109 5.34 38.88 -1.00
CA LEU B 109 4.11 39.10 -1.78
C LEU B 109 4.44 39.09 -3.27
N GLN B 110 3.42 38.68 -4.04
CA GLN B 110 3.44 38.41 -5.49
C GLN B 110 4.33 37.22 -5.84
N HIS B 111 4.75 36.41 -4.87
CA HIS B 111 5.27 35.05 -5.14
C HIS B 111 4.12 34.07 -4.88
N HIS B 112 4.14 32.93 -5.56
CA HIS B 112 3.15 31.87 -5.29
C HIS B 112 3.44 31.29 -3.88
N ASN B 113 2.38 31.03 -3.13
CA ASN B 113 2.52 30.29 -1.86
C ASN B 113 1.47 29.19 -1.76
N LEU B 114 1.69 28.27 -0.82
CA LEU B 114 0.67 27.27 -0.40
C LEU B 114 0.13 27.71 0.95
N LEU B 115 -1.13 28.11 1.05
CA LEU B 115 -1.75 28.38 2.37
C LEU B 115 -2.30 27.03 2.94
N VAL B 116 -1.80 26.60 4.09
CA VAL B 116 -2.17 25.31 4.70
C VAL B 116 -3.29 25.55 5.71
N CYS B 117 -4.41 24.85 5.53
CA CYS B 117 -5.40 24.79 6.62
C CYS B 117 -5.28 23.40 7.25
N SER B 118 -4.60 23.30 8.39
CA SER B 118 -4.40 22.00 9.08
C SER B 118 -5.58 21.82 10.05
N VAL B 119 -6.33 20.72 9.95
CA VAL B 119 -7.46 20.48 10.88
C VAL B 119 -7.11 19.23 11.69
N ASN B 120 -7.06 19.33 13.01
CA ASN B 120 -6.38 18.33 13.86
C ASN B 120 -7.28 17.88 15.04
N GLY B 121 -7.12 16.63 15.47
CA GLY B 121 -7.65 16.10 16.74
C GLY B 121 -9.14 15.76 16.68
N PHE B 122 -9.75 15.64 15.51
CA PHE B 122 -11.21 15.53 15.40
C PHE B 122 -11.69 14.05 15.23
N TYR B 123 -12.98 13.85 15.51
CA TYR B 123 -13.72 12.56 15.36
C TYR B 123 -15.20 12.91 15.37
N PRO B 124 -16.04 12.37 14.47
CA PRO B 124 -15.62 11.38 13.45
C PRO B 124 -14.92 12.00 12.22
N GLY B 125 -14.67 11.19 11.20
CA GLY B 125 -13.86 11.54 10.04
C GLY B 125 -14.57 12.50 9.10
N SER B 126 -15.90 12.47 8.99
CA SER B 126 -16.61 13.35 8.03
C SER B 126 -16.31 14.80 8.39
N ILE B 127 -15.74 15.55 7.48
CA ILE B 127 -15.46 16.98 7.70
C ILE B 127 -15.56 17.68 6.35
N GLU B 128 -15.86 18.98 6.38
CA GLU B 128 -15.82 19.89 5.22
C GLU B 128 -14.87 21.05 5.48
N VAL B 129 -13.87 21.20 4.61
CA VAL B 129 -12.87 22.29 4.69
C VAL B 129 -12.94 23.05 3.38
N ARG B 130 -13.26 24.33 3.46
CA ARG B 130 -13.42 25.21 2.29
C ARG B 130 -12.48 26.42 2.49
N TRP B 131 -12.02 27.00 1.41
CA TRP B 131 -11.12 28.18 1.34
C TRP B 131 -11.88 29.33 0.72
N PHE B 132 -11.70 30.52 1.27
CA PHE B 132 -12.29 31.77 0.73
C PHE B 132 -11.17 32.79 0.57
N ARG B 133 -11.30 33.58 -0.49
CA ARG B 133 -10.41 34.71 -0.84
C ARG B 133 -11.26 35.98 -0.84
N ASN B 134 -10.98 36.90 0.11
CA ASN B 134 -11.85 38.07 0.45
C ASN B 134 -13.30 37.57 0.53
N GLY B 135 -13.51 36.46 1.26
CA GLY B 135 -14.83 35.84 1.50
C GLY B 135 -15.55 35.39 0.23
N GLN B 136 -14.85 35.17 -0.89
CA GLN B 136 -15.40 34.43 -2.05
C GLN B 136 -14.78 33.03 -2.02
N GLU B 137 -15.59 31.96 -2.10
CA GLU B 137 -15.07 30.58 -2.05
C GLU B 137 -14.11 30.30 -3.22
N GLU B 138 -12.96 29.69 -2.95
CA GLU B 138 -11.95 29.30 -3.97
C GLU B 138 -12.12 27.80 -4.20
N LYS B 139 -12.35 27.35 -5.43
CA LYS B 139 -12.68 25.92 -5.71
C LYS B 139 -11.54 25.23 -6.48
N THR B 140 -10.75 25.99 -7.22
CA THR B 140 -9.59 25.48 -7.98
C THR B 140 -8.34 25.73 -7.12
N GLY B 141 -7.34 24.88 -7.26
CA GLY B 141 -6.03 25.06 -6.61
C GLY B 141 -6.05 24.54 -5.18
N VAL B 142 -7.02 23.69 -4.87
CA VAL B 142 -7.15 23.13 -3.52
C VAL B 142 -6.53 21.74 -3.55
N VAL B 143 -5.66 21.48 -2.60
CA VAL B 143 -4.82 20.26 -2.56
C VAL B 143 -5.03 19.69 -1.16
N SER B 144 -5.62 18.50 -1.05
CA SER B 144 -5.95 17.88 0.23
C SER B 144 -5.17 16.57 0.36
N THR B 145 -4.58 16.32 1.52
CA THR B 145 -4.10 15.02 2.02
C THR B 145 -5.25 13.99 2.10
N GLY B 146 -6.50 14.40 2.20
CA GLY B 146 -7.58 13.51 2.71
C GLY B 146 -7.46 13.25 4.20
N LEU B 147 -8.16 12.23 4.70
CA LEU B 147 -8.22 11.92 6.15
C LEU B 147 -6.98 11.18 6.53
N ILE B 148 -6.33 11.60 7.58
CA ILE B 148 -5.25 10.80 8.21
C ILE B 148 -5.74 10.31 9.58
N GLN B 149 -5.71 9.00 9.80
CA GLN B 149 -6.09 8.34 11.08
C GLN B 149 -4.86 8.37 11.99
N ASN B 150 -4.88 9.03 13.16
CA ASN B 150 -3.70 9.15 14.05
C ASN B 150 -3.46 7.88 14.89
N GLY B 151 -4.44 6.97 14.96
CA GLY B 151 -4.37 5.68 15.71
C GLY B 151 -4.84 5.80 17.16
N ASP B 152 -5.32 6.98 17.57
CA ASP B 152 -5.75 7.37 18.95
C ASP B 152 -7.17 7.95 18.91
N TRP B 153 -7.97 7.52 17.95
CA TRP B 153 -9.40 7.91 17.78
C TRP B 153 -9.49 9.41 17.48
N THR B 154 -8.50 9.95 16.78
CA THR B 154 -8.55 11.31 16.18
C THR B 154 -8.08 11.21 14.76
N PHE B 155 -8.53 12.16 13.95
CA PHE B 155 -8.11 12.39 12.56
C PHE B 155 -7.40 13.72 12.46
N GLN B 156 -6.59 13.84 11.40
CA GLN B 156 -6.14 15.17 10.93
C GLN B 156 -6.30 15.23 9.43
N THR B 157 -6.37 16.46 8.88
CA THR B 157 -6.34 16.64 7.40
C THR B 157 -5.65 17.98 7.11
N LEU B 158 -4.89 18.06 6.06
CA LEU B 158 -4.26 19.36 5.63
C LEU B 158 -4.85 19.72 4.28
N VAL B 159 -5.53 20.85 4.19
CA VAL B 159 -6.18 21.28 2.93
C VAL B 159 -5.46 22.56 2.48
N MET B 160 -4.78 22.52 1.35
CA MET B 160 -3.90 23.63 0.99
C MET B 160 -4.47 24.37 -0.19
N LEU B 161 -4.26 25.70 -0.21
CA LEU B 161 -4.67 26.57 -1.35
C LEU B 161 -3.43 27.10 -2.06
N GLU B 162 -3.38 26.89 -3.36
CA GLU B 162 -2.39 27.49 -4.27
C GLU B 162 -2.86 28.90 -4.55
N THR B 163 -2.03 29.89 -4.29
CA THR B 163 -2.41 31.29 -4.54
C THR B 163 -1.16 32.14 -4.69
N VAL B 164 -1.41 33.36 -5.15
CA VAL B 164 -0.42 34.47 -5.32
C VAL B 164 -1.02 35.60 -4.50
N PRO B 165 -0.69 35.68 -3.20
CA PRO B 165 -1.29 36.67 -2.33
C PRO B 165 -0.80 38.07 -2.74
N ARG B 166 -1.74 39.01 -2.72
CA ARG B 166 -1.53 40.47 -2.89
C ARG B 166 -1.56 41.14 -1.51
N SER B 167 -1.03 42.33 -1.47
CA SER B 167 -1.13 43.25 -0.33
C SER B 167 -2.61 43.46 0.01
N GLY B 168 -2.95 43.32 1.29
CA GLY B 168 -4.31 43.65 1.78
C GLY B 168 -5.14 42.40 1.95
N GLU B 169 -5.00 41.45 1.02
CA GLU B 169 -5.88 40.26 0.87
C GLU B 169 -6.00 39.46 2.19
N VAL B 170 -7.24 39.11 2.56
CA VAL B 170 -7.57 38.15 3.65
C VAL B 170 -8.09 36.82 3.08
N TYR B 171 -7.44 35.71 3.44
CA TYR B 171 -7.96 34.36 3.15
C TYR B 171 -8.57 33.71 4.39
N THR B 172 -9.64 32.92 4.20
CA THR B 172 -10.28 32.20 5.33
C THR B 172 -10.49 30.73 4.99
N CYS B 173 -10.15 29.90 5.98
CA CYS B 173 -10.42 28.47 5.99
C CYS B 173 -11.62 28.30 6.94
N GLN B 174 -12.68 27.67 6.42
CA GLN B 174 -13.93 27.39 7.14
C GLN B 174 -14.04 25.88 7.30
N VAL B 175 -14.26 25.43 8.53
CA VAL B 175 -14.36 24.00 8.89
C VAL B 175 -15.78 23.77 9.44
N GLU B 176 -16.48 22.78 8.84
CA GLU B 176 -17.75 22.20 9.34
C GLU B 176 -17.53 20.75 9.75
N HIS B 177 -18.04 20.40 10.93
CA HIS B 177 -17.83 19.08 11.57
C HIS B 177 -19.01 18.83 12.51
N PRO B 178 -19.45 17.55 12.70
CA PRO B 178 -20.57 17.28 13.61
C PRO B 178 -20.33 17.72 15.07
N SER B 179 -19.09 17.85 15.57
CA SER B 179 -18.82 18.44 16.93
C SER B 179 -19.19 19.93 17.02
N LEU B 180 -19.37 20.63 15.89
CA LEU B 180 -19.54 22.11 15.80
C LEU B 180 -21.01 22.39 15.65
N THR B 181 -21.56 23.39 16.34
CA THR B 181 -22.93 23.92 16.10
C THR B 181 -22.87 24.99 14.99
N SER B 182 -21.70 25.53 14.68
CA SER B 182 -21.60 26.45 13.53
C SER B 182 -20.18 26.42 13.03
N PRO B 183 -19.89 26.92 11.81
CA PRO B 183 -18.56 26.70 11.19
C PRO B 183 -17.45 27.33 12.01
N LEU B 184 -16.28 26.72 12.09
CA LEU B 184 -15.06 27.41 12.58
C LEU B 184 -14.40 28.09 11.42
N THR B 185 -13.98 29.34 11.57
CA THR B 185 -13.25 30.04 10.49
C THR B 185 -11.91 30.56 11.02
N VAL B 186 -10.83 30.35 10.27
CA VAL B 186 -9.50 30.93 10.62
C VAL B 186 -8.99 31.79 9.44
N GLU B 187 -8.55 33.00 9.78
CA GLU B 187 -8.09 34.05 8.84
C GLU B 187 -6.57 34.00 8.69
N TRP B 188 -6.08 34.25 7.47
CA TRP B 188 -4.68 34.62 7.20
C TRP B 188 -4.64 35.92 6.37
N ARG B 189 -4.04 36.98 6.91
CA ARG B 189 -3.86 38.26 6.19
C ARG B 189 -2.50 38.20 5.50
N ALA B 190 -2.46 38.45 4.19
CA ALA B 190 -1.22 38.60 3.40
C ALA B 190 -0.34 39.71 4.01
N ARG B 191 0.89 39.34 4.39
CA ARG B 191 2.01 40.29 4.62
C ARG B 191 1.99 41.38 3.54
N LYS C 1 17.76 -18.13 -5.73
CA LYS C 1 16.85 -16.93 -5.93
C LYS C 1 16.84 -16.55 -7.43
N GLU C 2 15.68 -16.19 -7.98
CA GLU C 2 15.48 -16.08 -9.46
C GLU C 2 16.22 -14.85 -10.03
N GLU C 3 16.68 -14.94 -11.26
CA GLU C 3 17.37 -13.84 -11.97
C GLU C 3 16.35 -12.91 -12.63
N HIS C 4 15.30 -13.46 -13.24
CA HIS C 4 14.42 -12.71 -14.17
C HIS C 4 13.06 -13.35 -14.20
N VAL C 5 12.02 -12.57 -14.46
CA VAL C 5 10.64 -13.07 -14.71
C VAL C 5 10.03 -12.28 -15.86
N ILE C 6 9.51 -13.00 -16.85
CA ILE C 6 8.64 -12.45 -17.92
C ILE C 6 7.19 -12.82 -17.58
N ILE C 7 6.28 -11.85 -17.64
CA ILE C 7 4.83 -12.06 -17.40
C ILE C 7 4.02 -11.52 -18.58
N GLN C 8 3.16 -12.35 -19.12
CA GLN C 8 2.11 -11.97 -20.08
C GLN C 8 0.86 -11.71 -19.25
N ALA C 9 0.56 -10.45 -18.94
CA ALA C 9 -0.54 -10.11 -18.03
C ALA C 9 -1.72 -9.64 -18.88
N GLU C 10 -2.91 -10.10 -18.49
CA GLU C 10 -4.17 -9.82 -19.22
C GLU C 10 -5.22 -9.49 -18.19
N PHE C 11 -6.15 -8.63 -18.55
CA PHE C 11 -7.41 -8.44 -17.79
C PHE C 11 -8.54 -8.16 -18.76
N TYR C 12 -9.76 -8.42 -18.28
CA TYR C 12 -11.03 -7.94 -18.85
C TYR C 12 -11.92 -7.47 -17.70
N LEU C 13 -12.56 -6.31 -17.88
CA LEU C 13 -13.40 -5.63 -16.87
C LEU C 13 -14.81 -5.41 -17.41
N ASN C 14 -15.85 -5.88 -16.70
CA ASN C 14 -17.28 -5.58 -16.93
C ASN C 14 -17.77 -4.58 -15.89
N PRO C 15 -18.76 -3.72 -16.21
CA PRO C 15 -19.42 -3.71 -17.52
C PRO C 15 -18.73 -2.78 -18.55
N ASP C 16 -17.51 -2.37 -18.26
CA ASP C 16 -16.77 -1.31 -19.02
C ASP C 16 -16.29 -1.89 -20.35
N GLN C 17 -16.13 -3.21 -20.38
CA GLN C 17 -15.61 -3.98 -21.55
C GLN C 17 -14.22 -3.44 -21.89
N SER C 18 -13.37 -3.27 -20.87
CA SER C 18 -11.94 -2.90 -21.03
C SER C 18 -11.10 -4.16 -20.96
N GLY C 19 -10.21 -4.34 -21.92
CA GLY C 19 -9.25 -5.44 -21.93
C GLY C 19 -7.87 -4.87 -21.98
N GLU C 20 -6.89 -5.66 -21.62
CA GLU C 20 -5.48 -5.23 -21.70
C GLU C 20 -4.70 -6.51 -21.91
N PHE C 21 -3.64 -6.41 -22.70
CA PHE C 21 -2.68 -7.52 -22.94
C PHE C 21 -1.30 -6.92 -22.93
N MET C 22 -0.37 -7.44 -22.14
CA MET C 22 0.96 -6.78 -22.03
C MET C 22 2.03 -7.78 -21.63
N PHE C 23 3.26 -7.55 -22.08
CA PHE C 23 4.42 -8.31 -21.57
C PHE C 23 5.19 -7.41 -20.61
N ASP C 24 5.75 -8.03 -19.60
CA ASP C 24 6.41 -7.35 -18.45
C ASP C 24 7.70 -8.14 -18.18
N PHE C 25 8.83 -7.46 -18.07
CA PHE C 25 10.12 -8.10 -17.71
C PHE C 25 10.61 -7.39 -16.44
N ASP C 26 10.75 -8.13 -15.34
CA ASP C 26 11.23 -7.64 -14.01
C ASP C 26 10.48 -6.38 -13.62
N GLY C 27 9.19 -6.25 -13.86
CA GLY C 27 8.34 -5.11 -13.42
C GLY C 27 8.18 -4.01 -14.46
N ASP C 28 8.88 -4.07 -15.60
CA ASP C 28 8.82 -3.05 -16.69
C ASP C 28 8.11 -3.60 -17.96
N GLU C 29 7.23 -2.80 -18.56
CA GLU C 29 6.44 -3.14 -19.75
C GLU C 29 7.35 -3.33 -20.95
N ILE C 30 7.36 -4.48 -21.61
CA ILE C 30 7.97 -4.54 -22.96
C ILE C 30 7.01 -3.93 -23.96
N PHE C 31 5.73 -4.34 -23.97
CA PHE C 31 4.74 -3.90 -24.99
C PHE C 31 3.35 -4.17 -24.43
N HIS C 32 2.35 -3.51 -25.00
CA HIS C 32 0.93 -3.92 -24.89
C HIS C 32 0.36 -3.92 -26.30
N VAL C 33 -0.80 -4.53 -26.48
CA VAL C 33 -1.57 -4.48 -27.76
C VAL C 33 -2.68 -3.46 -27.52
N ASP C 34 -2.80 -2.43 -28.36
CA ASP C 34 -3.98 -1.54 -28.36
C ASP C 34 -5.14 -2.36 -28.94
N MET C 35 -6.18 -2.66 -28.14
CA MET C 35 -7.27 -3.58 -28.56
C MET C 35 -8.06 -2.96 -29.72
N ALA C 36 -8.42 -1.67 -29.58
CA ALA C 36 -9.10 -0.83 -30.60
C ALA C 36 -8.40 -0.91 -31.96
N LYS C 37 -7.10 -0.59 -32.05
CA LYS C 37 -6.34 -0.48 -33.32
C LYS C 37 -5.70 -1.82 -33.69
N LYS C 38 -5.75 -2.82 -32.82
CA LYS C 38 -5.23 -4.18 -33.10
C LYS C 38 -3.74 -4.10 -33.44
N GLU C 39 -2.92 -3.35 -32.68
CA GLU C 39 -1.47 -3.16 -33.02
C GLU C 39 -0.59 -3.30 -31.77
N THR C 40 0.60 -3.88 -31.95
CA THR C 40 1.64 -3.96 -30.91
C THR C 40 2.18 -2.55 -30.64
N VAL C 41 2.16 -2.11 -29.39
CA VAL C 41 2.71 -0.80 -28.95
C VAL C 41 3.86 -1.08 -27.97
N TRP C 42 5.07 -0.70 -28.37
CA TRP C 42 6.34 -0.95 -27.65
C TRP C 42 6.53 0.16 -26.63
N ARG C 43 7.02 -0.19 -25.45
CA ARG C 43 7.11 0.79 -24.35
C ARG C 43 8.18 1.84 -24.69
N LEU C 44 9.31 1.41 -25.20
CA LEU C 44 10.32 2.32 -25.79
C LEU C 44 10.35 2.05 -27.30
N ARG C 45 10.28 3.09 -28.13
CA ARG C 45 10.29 2.96 -29.62
C ARG C 45 11.32 1.93 -30.06
N GLU C 46 12.50 1.98 -29.45
CA GLU C 46 13.65 1.11 -29.80
C GLU C 46 13.23 -0.36 -29.87
N PHE C 47 12.31 -0.82 -29.01
CA PHE C 47 12.02 -2.27 -28.88
C PHE C 47 11.42 -2.83 -30.17
N GLY C 48 10.62 -2.03 -30.88
CA GLY C 48 9.97 -2.44 -32.14
C GLY C 48 10.99 -2.78 -33.22
N ARG C 49 12.27 -2.46 -33.04
CA ARG C 49 13.33 -2.84 -34.02
C ARG C 49 14.04 -4.12 -33.53
N PHE C 50 13.99 -4.42 -32.22
CA PHE C 50 14.72 -5.55 -31.62
C PHE C 50 13.89 -6.84 -31.71
N ALA C 51 12.60 -6.75 -31.97
CA ALA C 51 11.65 -7.90 -31.83
C ALA C 51 10.31 -7.54 -32.48
N SER C 52 9.39 -8.49 -32.51
CA SER C 52 8.03 -8.35 -33.07
C SER C 52 7.04 -9.15 -32.23
N PHE C 53 5.78 -8.77 -32.34
CA PHE C 53 4.64 -9.55 -31.80
C PHE C 53 3.45 -9.38 -32.76
N GLU C 54 2.71 -10.46 -33.04
CA GLU C 54 1.45 -10.38 -33.82
C GLU C 54 0.30 -10.02 -32.91
N ALA C 55 -0.22 -8.79 -33.01
CA ALA C 55 -1.30 -8.23 -32.17
C ALA C 55 -2.49 -9.19 -32.15
N GLN C 56 -2.73 -9.85 -33.27
CA GLN C 56 -3.82 -10.82 -33.48
C GLN C 56 -3.98 -11.77 -32.28
N GLY C 57 -2.92 -12.49 -31.88
CA GLY C 57 -2.94 -13.54 -30.83
C GLY C 57 -3.55 -13.02 -29.54
N ALA C 58 -3.45 -11.71 -29.29
CA ALA C 58 -3.95 -11.04 -28.07
C ALA C 58 -5.47 -10.92 -28.10
N LEU C 59 -6.06 -10.58 -29.24
CA LEU C 59 -7.52 -10.30 -29.37
C LEU C 59 -8.30 -11.55 -28.92
N ALA C 60 -7.83 -12.73 -29.35
CA ALA C 60 -8.41 -14.05 -29.06
C ALA C 60 -8.26 -14.36 -27.57
N ASN C 61 -7.13 -13.99 -26.95
CA ASN C 61 -6.89 -14.25 -25.52
C ASN C 61 -7.95 -13.50 -24.70
N ILE C 62 -8.10 -12.23 -25.04
CA ILE C 62 -9.06 -11.29 -24.39
C ILE C 62 -10.47 -11.85 -24.57
N ALA C 63 -10.90 -12.31 -25.74
CA ALA C 63 -12.27 -12.87 -25.92
C ALA C 63 -12.49 -14.09 -24.99
N VAL C 64 -11.50 -14.99 -24.87
CA VAL C 64 -11.57 -16.15 -23.92
C VAL C 64 -11.54 -15.61 -22.47
N ASP C 65 -10.87 -14.47 -22.21
CA ASP C 65 -10.82 -13.83 -20.86
C ASP C 65 -12.19 -13.20 -20.56
N LYS C 66 -12.84 -12.57 -21.54
CA LYS C 66 -14.22 -12.02 -21.37
C LYS C 66 -15.23 -13.17 -21.06
N ALA C 67 -15.18 -14.27 -21.81
CA ALA C 67 -16.02 -15.45 -21.57
C ALA C 67 -15.81 -15.99 -20.16
N ASN C 68 -14.55 -16.15 -19.75
CA ASN C 68 -14.20 -16.67 -18.40
C ASN C 68 -14.66 -15.68 -17.34
N LEU C 69 -14.52 -14.39 -17.57
CA LEU C 69 -15.07 -13.44 -16.57
C LEU C 69 -16.53 -13.79 -16.31
N GLU C 70 -17.28 -14.09 -17.36
CA GLU C 70 -18.76 -14.16 -17.29
C GLU C 70 -19.13 -15.47 -16.59
N ILE C 71 -18.31 -16.50 -16.74
CA ILE C 71 -18.43 -17.81 -16.02
C ILE C 71 -18.13 -17.56 -14.54
N MET C 72 -17.04 -16.84 -14.25
CA MET C 72 -16.58 -16.60 -12.85
C MET C 72 -17.53 -15.63 -12.13
N THR C 73 -18.06 -14.62 -12.82
CA THR C 73 -19.08 -13.72 -12.25
C THR C 73 -20.27 -14.54 -11.72
N LYS C 74 -20.78 -15.48 -12.53
CA LYS C 74 -21.91 -16.35 -12.13
C LYS C 74 -21.42 -17.28 -11.01
N ARG C 75 -20.28 -17.93 -11.22
CA ARG C 75 -19.79 -18.91 -10.24
C ARG C 75 -19.70 -18.24 -8.85
N SER C 76 -19.26 -16.99 -8.79
CA SER C 76 -19.07 -16.19 -7.56
C SER C 76 -20.40 -15.66 -7.02
N ASN C 77 -21.51 -15.96 -7.70
CA ASN C 77 -22.82 -15.40 -7.31
C ASN C 77 -22.69 -13.88 -7.41
N TYR C 78 -22.29 -13.35 -8.57
CA TYR C 78 -22.23 -11.91 -8.89
C TYR C 78 -21.52 -11.11 -7.79
N THR C 79 -20.46 -11.68 -7.22
CA THR C 79 -19.63 -11.00 -6.19
C THR C 79 -18.72 -9.96 -6.87
N PRO C 80 -18.96 -8.66 -6.59
CA PRO C 80 -18.19 -7.60 -7.21
C PRO C 80 -16.80 -7.31 -6.58
N ILE C 81 -15.94 -6.60 -7.33
CA ILE C 81 -14.61 -6.16 -6.83
C ILE C 81 -14.88 -5.07 -5.80
N THR C 82 -14.05 -5.02 -4.76
CA THR C 82 -13.97 -3.92 -3.77
C THR C 82 -12.93 -2.92 -4.28
N ASN C 83 -13.31 -1.66 -4.42
CA ASN C 83 -12.43 -0.57 -4.89
C ASN C 83 -11.27 -0.39 -3.93
N VAL C 84 -10.04 -0.35 -4.44
CA VAL C 84 -8.85 -0.01 -3.63
C VAL C 84 -8.25 1.28 -4.23
N PRO C 85 -8.42 2.43 -3.55
CA PRO C 85 -7.90 3.71 -4.03
C PRO C 85 -6.40 3.70 -4.21
N PRO C 86 -5.87 4.47 -5.18
CA PRO C 86 -4.42 4.51 -5.38
C PRO C 86 -3.69 5.35 -4.34
N GLU C 87 -2.45 4.95 -4.04
CA GLU C 87 -1.37 5.79 -3.50
C GLU C 87 -0.79 6.57 -4.68
N VAL C 88 -0.64 7.88 -4.56
CA VAL C 88 -0.07 8.75 -5.63
C VAL C 88 1.14 9.52 -5.09
N THR C 89 2.25 9.52 -5.84
CA THR C 89 3.54 10.19 -5.55
C THR C 89 3.96 10.97 -6.81
N VAL C 90 4.41 12.22 -6.69
CA VAL C 90 5.01 13.00 -7.82
C VAL C 90 6.50 13.20 -7.54
N LEU C 91 7.36 12.64 -8.39
CA LEU C 91 8.84 12.81 -8.31
C LEU C 91 9.36 13.36 -9.64
N THR C 92 10.57 13.92 -9.59
CA THR C 92 11.36 14.19 -10.81
C THR C 92 12.10 12.91 -11.18
N ASN C 93 12.39 12.82 -12.46
CA ASN C 93 13.34 11.88 -13.07
C ASN C 93 14.73 12.13 -12.45
N SER C 94 15.12 13.40 -12.30
CA SER C 94 16.47 13.75 -11.80
C SER C 94 16.42 15.05 -11.04
N PRO C 95 17.49 15.37 -10.32
CA PRO C 95 17.53 16.56 -9.51
C PRO C 95 17.31 17.78 -10.43
N VAL C 96 16.59 18.74 -9.88
CA VAL C 96 16.28 20.04 -10.53
C VAL C 96 17.56 20.86 -10.65
N GLU C 97 17.88 21.22 -11.88
CA GLU C 97 19.04 22.09 -12.30
C GLU C 97 18.49 23.14 -13.26
N LEU C 98 18.70 24.42 -12.91
CA LEU C 98 18.30 25.57 -13.76
C LEU C 98 18.84 25.33 -15.18
N ARG C 99 17.99 25.55 -16.17
CA ARG C 99 18.27 25.46 -17.63
C ARG C 99 18.33 23.98 -18.06
N GLU C 100 18.05 23.02 -17.19
CA GLU C 100 18.06 21.58 -17.60
C GLU C 100 16.63 21.10 -17.63
N PRO C 101 16.14 20.67 -18.83
CA PRO C 101 14.89 19.97 -18.96
C PRO C 101 14.88 18.74 -18.05
N ASN C 102 13.72 18.45 -17.52
CA ASN C 102 13.51 17.38 -16.55
C ASN C 102 12.13 16.77 -16.86
N VAL C 103 11.71 15.79 -16.06
CA VAL C 103 10.39 15.11 -16.23
C VAL C 103 9.80 14.90 -14.84
N LEU C 104 8.56 15.35 -14.66
CA LEU C 104 7.71 14.94 -13.53
C LEU C 104 7.05 13.57 -13.86
N ILE C 105 7.17 12.69 -12.89
CA ILE C 105 6.55 11.33 -12.85
C ILE C 105 5.49 11.35 -11.77
N CYS C 106 4.25 11.07 -12.17
CA CYS C 106 3.13 10.74 -11.28
C CYS C 106 3.02 9.21 -11.20
N PHE C 107 3.38 8.67 -10.04
CA PHE C 107 3.37 7.22 -9.71
CA PHE C 107 3.35 7.23 -9.71
C PHE C 107 2.01 6.98 -9.04
N ILE C 108 1.17 6.20 -9.72
CA ILE C 108 -0.15 5.76 -9.21
C ILE C 108 -0.03 4.27 -8.88
N ASP C 109 -0.22 3.90 -7.63
CA ASP C 109 0.19 2.56 -7.17
C ASP C 109 -0.90 1.93 -6.30
N LYS C 110 -0.91 0.59 -6.33
CA LYS C 110 -1.64 -0.26 -5.36
C LYS C 110 -3.13 0.01 -5.43
N PHE C 111 -3.71 -0.04 -6.63
CA PHE C 111 -5.16 0.24 -6.79
C PHE C 111 -5.86 -0.83 -7.65
N THR C 112 -7.17 -0.92 -7.50
CA THR C 112 -8.04 -1.71 -8.41
C THR C 112 -9.44 -1.17 -8.24
N PRO C 113 -10.33 -1.27 -9.27
CA PRO C 113 -10.01 -1.79 -10.60
C PRO C 113 -9.09 -0.91 -11.45
N PRO C 114 -8.59 -1.42 -12.62
CA PRO C 114 -7.66 -0.66 -13.48
C PRO C 114 -8.38 0.32 -14.41
N VAL C 115 -8.96 1.35 -13.79
CA VAL C 115 -9.66 2.47 -14.45
C VAL C 115 -9.27 3.73 -13.66
N VAL C 116 -8.84 4.79 -14.35
CA VAL C 116 -8.24 5.97 -13.69
C VAL C 116 -8.23 7.11 -14.72
N ASN C 117 -8.62 8.31 -14.31
CA ASN C 117 -8.43 9.59 -15.03
C ASN C 117 -7.29 10.36 -14.33
N VAL C 118 -6.25 10.73 -15.09
CA VAL C 118 -5.06 11.47 -14.62
C VAL C 118 -4.93 12.71 -15.49
N THR C 119 -4.89 13.89 -14.87
CA THR C 119 -4.60 15.21 -15.49
C THR C 119 -3.39 15.82 -14.79
N TRP C 120 -2.48 16.38 -15.57
CA TRP C 120 -1.43 17.30 -15.06
C TRP C 120 -1.96 18.72 -15.01
N LEU C 121 -1.74 19.39 -13.88
CA LEU C 121 -2.08 20.81 -13.67
C LEU C 121 -0.80 21.57 -13.42
N ARG C 122 -0.62 22.61 -14.23
CA ARG C 122 0.41 23.66 -14.07
C ARG C 122 -0.33 24.93 -13.67
N ASN C 123 -0.03 25.44 -12.46
CA ASN C 123 -0.69 26.65 -11.95
C ASN C 123 -2.19 26.46 -12.11
N GLY C 124 -2.71 25.29 -11.69
CA GLY C 124 -4.15 25.02 -11.73
C GLY C 124 -4.73 24.79 -13.13
N LYS C 125 -3.93 24.68 -14.20
CA LYS C 125 -4.46 24.53 -15.56
C LYS C 125 -3.97 23.23 -16.21
N PRO C 126 -4.90 22.50 -16.88
CA PRO C 126 -4.57 21.25 -17.55
C PRO C 126 -3.44 21.49 -18.56
N VAL C 127 -2.45 20.60 -18.59
CA VAL C 127 -1.35 20.56 -19.59
C VAL C 127 -1.49 19.27 -20.38
N THR C 128 -1.27 19.28 -21.69
CA THR C 128 -1.20 18.02 -22.49
C THR C 128 0.07 18.05 -23.36
N THR C 129 0.81 19.16 -23.37
CA THR C 129 1.99 19.32 -24.25
C THR C 129 3.04 18.31 -23.80
N GLY C 130 3.25 17.26 -24.57
CA GLY C 130 4.40 16.37 -24.34
C GLY C 130 4.12 15.33 -23.28
N VAL C 131 2.88 15.28 -22.76
CA VAL C 131 2.55 14.28 -21.69
C VAL C 131 2.47 12.88 -22.33
N SER C 132 2.78 11.86 -21.55
CA SER C 132 2.66 10.44 -21.94
C SER C 132 2.37 9.61 -20.67
N GLU C 133 2.13 8.33 -20.87
CA GLU C 133 1.64 7.43 -19.80
C GLU C 133 1.84 5.99 -20.23
N THR C 134 1.80 5.12 -19.23
CA THR C 134 1.72 3.67 -19.33
C THR C 134 0.26 3.24 -19.20
N VAL C 135 0.01 2.06 -19.74
CA VAL C 135 -1.14 1.23 -19.37
C VAL C 135 -0.90 0.71 -17.95
N PHE C 136 -1.83 -0.11 -17.50
CA PHE C 136 -1.89 -0.64 -16.13
C PHE C 136 -0.84 -1.73 -16.01
N LEU C 137 0.14 -1.58 -15.13
CA LEU C 137 1.15 -2.62 -14.93
C LEU C 137 0.69 -3.49 -13.77
N PRO C 138 0.92 -4.81 -13.90
CA PRO C 138 0.51 -5.77 -12.87
C PRO C 138 1.41 -5.68 -11.63
N ARG C 139 0.84 -5.89 -10.44
CA ARG C 139 1.63 -6.06 -9.21
C ARG C 139 1.54 -7.52 -8.74
N GLU C 140 2.53 -7.94 -7.95
CA GLU C 140 2.61 -9.29 -7.36
C GLU C 140 1.40 -9.52 -6.44
N ASP C 141 0.68 -8.47 -5.99
CA ASP C 141 -0.55 -8.56 -5.15
C ASP C 141 -1.82 -8.37 -5.99
N HIS C 142 -1.70 -8.29 -7.31
CA HIS C 142 -2.85 -8.39 -8.26
C HIS C 142 -3.67 -7.12 -8.22
N LEU C 143 -3.12 -6.10 -7.56
CA LEU C 143 -3.47 -4.67 -7.76
C LEU C 143 -2.66 -4.19 -8.98
N PHE C 144 -2.81 -2.90 -9.32
CA PHE C 144 -2.18 -2.25 -10.49
C PHE C 144 -1.31 -1.07 -10.07
N ARG C 145 -0.37 -0.74 -10.95
CA ARG C 145 0.34 0.55 -10.99
C ARG C 145 0.31 1.11 -12.40
N LYS C 146 0.58 2.41 -12.47
CA LYS C 146 0.48 3.23 -13.69
C LYS C 146 1.41 4.45 -13.50
N PHE C 147 2.02 4.90 -14.57
CA PHE C 147 2.92 6.08 -14.59
C PHE C 147 2.41 7.07 -15.62
N HIS C 148 2.35 8.34 -15.23
CA HIS C 148 2.18 9.48 -16.17
C HIS C 148 3.40 10.38 -16.03
N TYR C 149 3.74 11.05 -17.14
CA TYR C 149 4.98 11.80 -17.38
C TYR C 149 4.63 13.18 -17.93
N LEU C 150 5.36 14.22 -17.45
CA LEU C 150 5.27 15.61 -17.97
C LEU C 150 6.68 16.20 -18.08
N PRO C 151 7.27 16.27 -19.29
CA PRO C 151 8.48 17.08 -19.51
C PRO C 151 8.29 18.54 -19.07
N PHE C 152 9.27 19.12 -18.42
CA PHE C 152 9.15 20.53 -18.00
C PHE C 152 10.54 21.15 -18.02
N LEU C 153 10.55 22.47 -18.08
CA LEU C 153 11.77 23.26 -17.80
C LEU C 153 11.58 23.88 -16.44
N PRO C 154 12.51 23.63 -15.52
CA PRO C 154 12.45 24.14 -14.15
C PRO C 154 12.24 25.64 -14.03
N SER C 155 11.34 26.04 -13.12
CA SER C 155 10.94 27.44 -12.93
C SER C 155 10.34 27.62 -11.55
N THR C 156 10.82 28.60 -10.76
CA THR C 156 10.19 28.97 -9.46
C THR C 156 8.82 29.67 -9.72
N GLU C 157 8.43 29.89 -11.00
CA GLU C 157 7.16 30.58 -11.38
C GLU C 157 6.02 29.54 -11.44
N ASP C 158 6.31 28.26 -11.40
CA ASP C 158 5.29 27.23 -11.68
C ASP C 158 5.15 26.29 -10.48
N VAL C 159 3.93 25.86 -10.27
CA VAL C 159 3.58 24.73 -9.38
C VAL C 159 2.79 23.70 -10.21
N TYR C 160 2.93 22.43 -9.81
CA TYR C 160 2.29 21.30 -10.51
C TYR C 160 1.49 20.45 -9.53
N ASP C 161 0.42 19.87 -10.04
CA ASP C 161 -0.37 18.82 -9.36
C ASP C 161 -0.62 17.74 -10.39
N CYS C 162 -0.51 16.51 -9.95
CA CYS C 162 -1.08 15.33 -10.64
C CYS C 162 -2.43 15.08 -9.98
N ARG C 163 -3.50 15.14 -10.78
CA ARG C 163 -4.91 15.04 -10.31
C ARG C 163 -5.41 13.66 -10.75
N VAL C 164 -5.65 12.78 -9.79
CA VAL C 164 -6.07 11.39 -10.07
C VAL C 164 -7.52 11.20 -9.64
N GLU C 165 -8.38 10.77 -10.58
CA GLU C 165 -9.76 10.28 -10.25
C GLU C 165 -9.79 8.75 -10.28
N HIS C 166 -10.26 8.14 -9.19
CA HIS C 166 -10.52 6.69 -9.09
CA HIS C 166 -10.53 6.68 -9.09
C HIS C 166 -11.77 6.45 -8.24
N TRP C 167 -12.51 5.38 -8.54
CA TRP C 167 -13.82 5.07 -7.90
C TRP C 167 -13.65 4.82 -6.40
N GLY C 168 -12.50 4.30 -5.96
CA GLY C 168 -12.12 4.11 -4.55
C GLY C 168 -11.90 5.41 -3.79
N LEU C 169 -11.79 6.54 -4.49
CA LEU C 169 -11.60 7.88 -3.88
C LEU C 169 -12.94 8.59 -3.71
N ASP C 170 -13.18 9.20 -2.56
CA ASP C 170 -14.30 10.14 -2.30
C ASP C 170 -14.21 11.39 -3.20
N GLU C 171 -13.00 11.92 -3.41
CA GLU C 171 -12.74 13.17 -4.19
C GLU C 171 -11.55 12.90 -5.12
N PRO C 172 -11.42 13.67 -6.22
CA PRO C 172 -10.16 13.71 -6.94
C PRO C 172 -9.00 13.99 -5.97
N LEU C 173 -7.91 13.25 -6.14
CA LEU C 173 -6.68 13.38 -5.35
C LEU C 173 -5.68 14.24 -6.15
N LEU C 174 -5.30 15.39 -5.64
CA LEU C 174 -4.20 16.21 -6.25
C LEU C 174 -2.92 15.98 -5.44
N LYS C 175 -1.85 15.49 -6.07
CA LYS C 175 -0.52 15.41 -5.42
C LYS C 175 0.34 16.54 -5.97
N HIS C 176 0.95 17.29 -5.07
CA HIS C 176 1.57 18.59 -5.37
C HIS C 176 3.06 18.45 -5.62
N TRP C 177 3.61 19.23 -6.57
CA TRP C 177 5.07 19.37 -6.70
C TRP C 177 5.40 20.82 -7.07
N GLU C 178 6.40 21.41 -6.42
CA GLU C 178 6.98 22.69 -6.88
C GLU C 178 8.45 22.65 -6.51
N PHE C 179 9.25 23.42 -7.24
CA PHE C 179 10.69 23.61 -6.96
C PHE C 179 10.80 24.96 -6.30
N ASP C 180 11.12 24.99 -5.01
CA ASP C 180 11.24 26.25 -4.21
C ASP C 180 12.66 26.88 -4.35
N ALA C 181 12.69 28.20 -4.54
CA ALA C 181 13.90 29.06 -4.52
C ALA C 181 14.60 29.02 -3.15
N SER C 182 13.88 28.72 -2.05
CA SER C 182 14.42 28.70 -0.66
C SER C 182 15.25 27.43 -0.44
N GLY D 1 -19.80 9.15 -9.84
CA GLY D 1 -21.19 9.22 -10.33
C GLY D 1 -21.74 7.85 -10.65
N ASP D 2 -20.86 6.88 -10.94
CA ASP D 2 -21.30 5.55 -11.43
CA ASP D 2 -21.19 5.50 -11.39
C ASP D 2 -21.99 4.77 -10.29
N THR D 3 -23.07 4.10 -10.64
CA THR D 3 -24.00 3.43 -9.69
C THR D 3 -23.77 1.91 -9.72
N ARG D 4 -22.75 1.41 -10.44
CA ARG D 4 -22.74 0.02 -11.01
C ARG D 4 -21.62 -0.83 -10.41
N PRO D 5 -21.83 -2.16 -10.30
CA PRO D 5 -20.81 -3.08 -9.82
C PRO D 5 -19.82 -3.52 -10.90
N ARG D 6 -18.54 -3.71 -10.56
CA ARG D 6 -17.48 -4.10 -11.53
C ARG D 6 -17.03 -5.54 -11.25
N PHE D 7 -16.65 -6.25 -12.30
CA PHE D 7 -16.10 -7.64 -12.27
C PHE D 7 -14.82 -7.72 -13.11
N LEU D 8 -13.76 -8.26 -12.51
CA LEU D 8 -12.42 -8.28 -13.11
C LEU D 8 -11.93 -9.73 -13.20
N GLU D 9 -11.50 -10.10 -14.40
CA GLU D 9 -10.77 -11.36 -14.69
C GLU D 9 -9.34 -10.95 -14.94
N GLN D 10 -8.36 -11.61 -14.33
CA GLN D 10 -6.95 -11.44 -14.77
C GLN D 10 -6.41 -12.80 -15.14
N VAL D 11 -5.38 -12.75 -15.99
CA VAL D 11 -4.57 -13.94 -16.24
C VAL D 11 -3.10 -13.55 -16.27
N LYS D 12 -2.22 -14.32 -15.60
CA LYS D 12 -0.76 -14.08 -15.70
C LYS D 12 -0.05 -15.37 -16.12
N HIS D 13 0.55 -15.33 -17.30
CA HIS D 13 1.48 -16.35 -17.85
C HIS D 13 2.88 -15.89 -17.42
N GLU D 14 3.40 -16.52 -16.38
CA GLU D 14 4.71 -16.20 -15.82
C GLU D 14 5.73 -17.22 -16.28
N CYS D 15 6.92 -16.75 -16.62
CA CYS D 15 8.19 -17.49 -16.83
C CYS D 15 9.27 -16.99 -15.86
N HIS D 16 9.66 -17.85 -14.94
CA HIS D 16 10.67 -17.56 -13.89
C HIS D 16 11.95 -18.23 -14.31
N PHE D 17 13.03 -17.46 -14.41
CA PHE D 17 14.33 -17.89 -15.00
C PHE D 17 15.41 -17.91 -13.90
N PHE D 18 16.15 -19.01 -13.82
CA PHE D 18 17.21 -19.27 -12.82
C PHE D 18 18.50 -19.66 -13.55
N ASN D 19 19.63 -19.04 -13.19
CA ASN D 19 20.97 -19.29 -13.80
C ASN D 19 20.80 -19.32 -15.36
N GLY D 20 20.48 -18.19 -15.99
CA GLY D 20 20.24 -18.20 -17.44
C GLY D 20 18.90 -18.84 -17.77
N THR D 21 18.87 -19.92 -18.56
CA THR D 21 17.63 -20.70 -18.81
C THR D 21 17.82 -22.15 -18.36
N GLU D 22 18.75 -22.36 -17.43
CA GLU D 22 19.17 -23.68 -16.92
C GLU D 22 17.94 -24.28 -16.22
N ARG D 23 17.36 -23.53 -15.26
CA ARG D 23 16.08 -23.88 -14.63
C ARG D 23 15.03 -22.82 -14.96
N VAL D 24 13.88 -23.25 -15.47
CA VAL D 24 12.72 -22.39 -15.83
C VAL D 24 11.44 -22.88 -15.13
N ARG D 25 10.67 -22.00 -14.52
CA ARG D 25 9.37 -22.33 -13.92
C ARG D 25 8.26 -21.51 -14.59
N PHE D 26 7.37 -22.24 -15.27
CA PHE D 26 6.13 -21.72 -15.92
C PHE D 26 4.97 -21.80 -14.91
N LEU D 27 4.22 -20.71 -14.78
CA LEU D 27 3.04 -20.59 -13.88
C LEU D 27 1.95 -19.88 -14.69
N ASP D 28 0.89 -20.58 -15.05
CA ASP D 28 -0.31 -19.96 -15.63
C ASP D 28 -1.24 -19.70 -14.46
N ARG D 29 -1.63 -18.45 -14.21
CA ARG D 29 -2.38 -18.01 -12.99
C ARG D 29 -3.65 -17.31 -13.48
N TYR D 30 -4.80 -17.64 -12.90
CA TYR D 30 -6.13 -17.05 -13.22
C TYR D 30 -6.65 -16.35 -11.96
N PHE D 31 -7.22 -15.17 -12.08
CA PHE D 31 -7.61 -14.33 -10.93
C PHE D 31 -8.99 -13.81 -11.21
N TYR D 32 -9.79 -13.77 -10.15
CA TYR D 32 -11.13 -13.13 -10.08
C TYR D 32 -11.03 -11.98 -9.08
N HIS D 33 -11.13 -10.75 -9.58
CA HIS D 33 -10.71 -9.49 -8.88
C HIS D 33 -9.21 -9.60 -8.57
N GLN D 34 -8.80 -9.82 -7.31
CA GLN D 34 -7.37 -10.04 -6.95
C GLN D 34 -7.15 -11.47 -6.44
N GLU D 35 -8.17 -12.33 -6.48
CA GLU D 35 -8.08 -13.68 -5.90
C GLU D 35 -7.60 -14.64 -6.99
N GLU D 36 -6.43 -15.22 -6.83
CA GLU D 36 -5.98 -16.37 -7.64
C GLU D 36 -6.94 -17.54 -7.37
N TYR D 37 -7.52 -18.16 -8.40
CA TYR D 37 -8.46 -19.29 -8.19
C TYR D 37 -7.91 -20.59 -8.75
N VAL D 38 -7.03 -20.54 -9.74
CA VAL D 38 -6.52 -21.81 -10.32
C VAL D 38 -5.23 -21.50 -11.02
N ARG D 39 -4.29 -22.44 -10.98
CA ARG D 39 -3.00 -22.28 -11.68
C ARG D 39 -2.51 -23.61 -12.23
N PHE D 40 -1.72 -23.51 -13.29
CA PHE D 40 -0.80 -24.56 -13.75
C PHE D 40 0.61 -24.14 -13.32
N ASP D 41 1.24 -24.94 -12.46
CA ASP D 41 2.66 -24.81 -12.04
C ASP D 41 3.40 -25.95 -12.74
N SER D 42 4.40 -25.64 -13.57
CA SER D 42 5.27 -26.62 -14.28
C SER D 42 5.95 -27.51 -13.24
N ASP D 43 6.26 -27.02 -12.03
CA ASP D 43 6.88 -27.87 -10.97
C ASP D 43 5.89 -28.99 -10.55
N VAL D 44 4.58 -28.70 -10.58
CA VAL D 44 3.49 -29.64 -10.19
C VAL D 44 3.04 -30.49 -11.39
N GLY D 45 2.81 -29.88 -12.57
CA GLY D 45 2.60 -30.64 -13.81
C GLY D 45 1.14 -30.87 -14.14
N GLU D 46 0.23 -30.24 -13.40
CA GLU D 46 -1.22 -30.21 -13.71
C GLU D 46 -1.81 -28.97 -13.06
N TYR D 47 -3.02 -28.58 -13.48
CA TYR D 47 -3.77 -27.47 -12.84
C TYR D 47 -4.13 -27.88 -11.39
N ARG D 48 -4.10 -26.88 -10.50
CA ARG D 48 -4.51 -27.06 -9.09
C ARG D 48 -5.36 -25.86 -8.77
N ALA D 49 -6.45 -26.10 -8.04
CA ALA D 49 -7.30 -25.03 -7.48
C ALA D 49 -6.49 -24.30 -6.40
N VAL D 50 -6.47 -22.98 -6.46
CA VAL D 50 -5.89 -22.15 -5.38
C VAL D 50 -7.00 -21.83 -4.37
N THR D 51 -8.22 -21.58 -4.82
CA THR D 51 -9.43 -21.54 -3.96
C THR D 51 -10.48 -22.51 -4.52
N GLU D 52 -11.53 -22.72 -3.74
CA GLU D 52 -12.68 -23.59 -4.12
C GLU D 52 -13.33 -23.05 -5.40
N LEU D 53 -13.36 -21.72 -5.59
CA LEU D 53 -13.87 -21.12 -6.86
C LEU D 53 -13.20 -21.81 -8.05
N GLY D 54 -11.98 -22.30 -7.83
CA GLY D 54 -11.10 -22.80 -8.90
C GLY D 54 -11.44 -24.22 -9.38
N ARG D 55 -12.06 -25.04 -8.55
CA ARG D 55 -12.17 -26.53 -8.73
C ARG D 55 -12.78 -26.95 -10.06
N PRO D 56 -13.93 -26.41 -10.51
CA PRO D 56 -14.51 -26.85 -11.79
C PRO D 56 -13.52 -26.67 -12.95
N ASP D 57 -12.76 -25.58 -12.94
CA ASP D 57 -11.76 -25.33 -14.01
C ASP D 57 -10.64 -26.37 -13.90
N ALA D 58 -10.14 -26.63 -12.68
CA ALA D 58 -8.95 -27.48 -12.48
C ALA D 58 -9.29 -28.92 -12.88
N GLU D 59 -10.45 -29.40 -12.46
CA GLU D 59 -10.90 -30.77 -12.79
C GLU D 59 -11.09 -30.83 -14.31
N TYR D 60 -11.70 -29.81 -14.90
CA TYR D 60 -12.12 -29.90 -16.33
C TYR D 60 -10.89 -29.80 -17.23
N TRP D 61 -9.99 -28.88 -16.90
CA TRP D 61 -8.74 -28.67 -17.65
C TRP D 61 -7.84 -29.88 -17.49
N ASN D 62 -7.72 -30.44 -16.29
CA ASN D 62 -6.90 -31.66 -16.03
C ASN D 62 -7.44 -32.91 -16.77
N SER D 63 -8.67 -32.89 -17.30
CA SER D 63 -9.22 -34.01 -18.12
C SER D 63 -8.72 -33.84 -19.55
N GLN D 64 -8.30 -32.65 -19.97
CA GLN D 64 -7.88 -32.42 -21.39
C GLN D 64 -6.41 -32.80 -21.56
N LYS D 65 -6.16 -34.01 -22.04
CA LYS D 65 -4.80 -34.60 -22.07
C LYS D 65 -3.89 -33.80 -23.02
N ASP D 66 -4.40 -33.23 -24.14
CA ASP D 66 -3.54 -32.41 -25.05
C ASP D 66 -3.29 -31.04 -24.41
N LEU D 67 -4.23 -30.50 -23.61
CA LEU D 67 -4.02 -29.19 -22.93
C LEU D 67 -2.86 -29.41 -21.96
N LEU D 68 -2.89 -30.47 -21.16
CA LEU D 68 -1.74 -30.77 -20.26
C LEU D 68 -0.44 -30.95 -21.07
N GLU D 69 -0.38 -31.81 -22.09
CA GLU D 69 0.92 -32.04 -22.75
C GLU D 69 1.44 -30.68 -23.24
N GLN D 70 0.56 -29.83 -23.76
CA GLN D 70 0.97 -28.50 -24.27
C GLN D 70 1.48 -27.63 -23.10
N LYS D 71 0.75 -27.51 -21.97
CA LYS D 71 1.21 -26.65 -20.85
C LYS D 71 2.52 -27.18 -20.26
N ARG D 72 2.67 -28.51 -20.27
CA ARG D 72 3.86 -29.21 -19.76
C ARG D 72 5.09 -28.88 -20.63
N ALA D 73 4.92 -28.52 -21.93
CA ALA D 73 6.05 -28.15 -22.82
C ALA D 73 6.34 -26.64 -22.74
N ALA D 74 5.50 -25.83 -22.07
CA ALA D 74 5.57 -24.36 -22.19
C ALA D 74 6.95 -23.87 -21.76
N VAL D 75 7.62 -24.45 -20.75
CA VAL D 75 8.98 -23.99 -20.30
C VAL D 75 9.86 -23.79 -21.55
N ASP D 76 9.72 -24.66 -22.55
CA ASP D 76 10.51 -24.64 -23.81
C ASP D 76 9.84 -23.73 -24.86
N THR D 77 8.57 -23.95 -25.19
CA THR D 77 7.89 -23.38 -26.39
C THR D 77 7.55 -21.92 -26.16
N TYR D 78 7.40 -21.53 -24.89
CA TYR D 78 6.96 -20.18 -24.46
C TYR D 78 8.10 -19.48 -23.70
N CYS D 79 8.51 -20.04 -22.56
CA CYS D 79 9.50 -19.42 -21.64
C CYS D 79 10.87 -19.34 -22.30
N ARG D 80 11.49 -20.45 -22.64
CA ARG D 80 12.83 -20.40 -23.28
C ARG D 80 12.76 -19.63 -24.61
N HIS D 81 11.71 -19.82 -25.40
CA HIS D 81 11.52 -19.09 -26.68
C HIS D 81 11.58 -17.56 -26.44
N ASN D 82 10.71 -17.06 -25.57
CA ASN D 82 10.57 -15.62 -25.30
C ASN D 82 11.86 -15.09 -24.67
N TYR D 83 12.59 -15.91 -23.92
CA TYR D 83 13.87 -15.46 -23.35
C TYR D 83 14.83 -15.16 -24.51
N GLY D 84 14.97 -16.08 -25.45
CA GLY D 84 15.82 -15.88 -26.64
C GLY D 84 15.48 -14.57 -27.37
N VAL D 85 14.18 -14.25 -27.51
CA VAL D 85 13.68 -13.08 -28.27
C VAL D 85 14.11 -11.80 -27.54
N GLY D 86 13.94 -11.71 -26.22
CA GLY D 86 14.11 -10.43 -25.53
C GLY D 86 15.45 -10.27 -24.84
N GLU D 87 16.21 -11.33 -24.69
CA GLU D 87 17.48 -11.39 -23.95
C GLU D 87 18.32 -10.12 -24.24
N SER D 88 18.50 -9.76 -25.52
CA SER D 88 19.53 -8.79 -25.97
C SER D 88 19.20 -7.38 -25.45
N PHE D 89 17.94 -7.05 -25.14
CA PHE D 89 17.53 -5.68 -24.73
C PHE D 89 16.85 -5.66 -23.37
N THR D 90 16.90 -6.78 -22.64
CA THR D 90 16.25 -6.89 -21.30
C THR D 90 17.35 -7.35 -20.33
N VAL D 91 17.63 -8.64 -20.37
CA VAL D 91 18.77 -9.22 -19.63
C VAL D 91 20.05 -8.40 -19.88
N GLN D 92 20.39 -8.09 -21.13
CA GLN D 92 21.69 -7.44 -21.44
C GLN D 92 21.58 -5.91 -21.32
N ARG D 93 20.41 -5.36 -21.03
CA ARG D 93 20.25 -3.89 -20.86
C ARG D 93 21.07 -3.39 -19.66
N ARG D 94 21.98 -2.45 -19.88
CA ARG D 94 22.74 -1.79 -18.79
C ARG D 94 22.91 -0.31 -19.10
N VAL D 95 22.48 0.54 -18.18
CA VAL D 95 22.52 2.02 -18.30
C VAL D 95 23.16 2.55 -17.03
N TYR D 96 24.24 3.33 -17.18
CA TYR D 96 25.05 3.93 -16.08
C TYR D 96 24.17 4.73 -15.15
N PRO D 97 24.41 4.71 -13.83
CA PRO D 97 23.84 5.76 -12.98
C PRO D 97 24.53 7.11 -13.17
N GLU D 98 23.75 8.18 -13.09
CA GLU D 98 24.19 9.57 -12.90
C GLU D 98 24.10 9.80 -11.39
N VAL D 99 25.13 10.38 -10.81
CA VAL D 99 25.25 10.61 -9.33
C VAL D 99 25.39 12.11 -9.10
N THR D 100 24.52 12.69 -8.28
CA THR D 100 24.57 14.12 -7.91
C THR D 100 24.65 14.15 -6.40
N VAL D 101 25.55 14.94 -5.82
CA VAL D 101 25.60 15.10 -4.34
C VAL D 101 25.35 16.56 -4.03
N TYR D 102 24.47 16.86 -3.07
CA TYR D 102 24.25 18.24 -2.61
C TYR D 102 23.76 18.26 -1.16
N PRO D 103 24.03 19.36 -0.45
CA PRO D 103 23.40 19.57 0.86
C PRO D 103 21.90 19.91 0.68
N ALA D 104 21.04 19.29 1.48
CA ALA D 104 19.58 19.54 1.43
C ALA D 104 19.33 21.01 1.75
N LYS D 105 20.18 21.62 2.56
CA LYS D 105 19.95 23.00 3.06
C LYS D 105 21.19 23.83 2.75
N THR D 106 20.99 25.08 2.36
CA THR D 106 22.09 26.05 2.14
C THR D 106 22.25 26.77 3.46
N GLN D 107 23.45 26.81 4.03
CA GLN D 107 23.67 27.31 5.42
C GLN D 107 25.15 27.20 5.73
N PRO D 108 25.62 27.85 6.80
CA PRO D 108 27.02 27.72 7.18
C PRO D 108 27.32 26.34 7.80
N LEU D 109 28.61 26.04 7.86
CA LEU D 109 29.14 24.83 8.57
C LEU D 109 28.75 24.88 10.07
N GLN D 110 28.96 23.77 10.77
CA GLN D 110 28.76 23.68 12.24
C GLN D 110 27.26 23.73 12.56
N HIS D 111 26.41 23.25 11.63
CA HIS D 111 24.93 23.13 11.78
C HIS D 111 24.53 21.78 11.20
N HIS D 112 23.56 21.10 11.80
CA HIS D 112 23.08 19.80 11.26
C HIS D 112 22.58 19.98 9.83
N ASN D 113 22.86 19.01 8.98
CA ASN D 113 22.42 19.02 7.57
C ASN D 113 22.21 17.57 7.13
N LEU D 114 21.47 17.40 6.05
CA LEU D 114 21.40 16.14 5.29
C LEU D 114 22.21 16.30 4.00
N LEU D 115 23.17 15.41 3.73
CA LEU D 115 23.85 15.33 2.42
C LEU D 115 23.10 14.35 1.54
N VAL D 116 22.59 14.83 0.41
CA VAL D 116 21.83 13.97 -0.52
C VAL D 116 22.78 13.34 -1.55
N CYS D 117 22.75 12.02 -1.69
CA CYS D 117 23.27 11.30 -2.88
C CYS D 117 22.07 10.88 -3.73
N SER D 118 21.79 11.59 -4.82
CA SER D 118 20.77 11.25 -5.85
C SER D 118 21.41 10.44 -6.98
N VAL D 119 20.97 9.21 -7.17
CA VAL D 119 21.51 8.26 -8.15
C VAL D 119 20.38 7.94 -9.13
N ASN D 120 20.56 8.28 -10.41
CA ASN D 120 19.42 8.45 -11.32
C ASN D 120 19.70 7.71 -12.63
N GLY D 121 18.65 7.33 -13.36
CA GLY D 121 18.73 6.91 -14.78
C GLY D 121 19.23 5.49 -15.01
N PHE D 122 19.51 4.71 -13.98
CA PHE D 122 20.28 3.44 -14.10
C PHE D 122 19.39 2.20 -14.40
N TYR D 123 20.04 1.16 -14.90
CA TYR D 123 19.37 -0.13 -15.22
C TYR D 123 20.44 -1.19 -15.27
N PRO D 124 20.24 -2.37 -14.62
CA PRO D 124 19.00 -2.70 -13.89
C PRO D 124 18.96 -2.13 -12.46
N GLY D 125 18.06 -2.64 -11.63
CA GLY D 125 17.75 -2.11 -10.28
C GLY D 125 18.85 -2.38 -9.27
N SER D 126 19.54 -3.51 -9.29
CA SER D 126 20.56 -3.78 -8.25
C SER D 126 21.57 -2.64 -8.20
N ILE D 127 21.75 -2.07 -7.03
CA ILE D 127 22.75 -0.99 -6.81
C ILE D 127 23.20 -1.03 -5.35
N GLU D 128 24.41 -0.55 -5.06
CA GLU D 128 24.88 -0.23 -3.70
C GLU D 128 25.36 1.21 -3.65
N VAL D 129 24.81 1.97 -2.73
CA VAL D 129 25.16 3.38 -2.46
C VAL D 129 25.66 3.45 -1.01
N ARG D 130 26.88 3.91 -0.80
CA ARG D 130 27.54 3.99 0.52
C ARG D 130 27.99 5.41 0.74
N TRP D 131 27.97 5.84 1.99
CA TRP D 131 28.51 7.17 2.36
C TRP D 131 29.82 7.01 3.13
N PHE D 132 30.77 7.91 2.87
CA PHE D 132 32.08 7.94 3.54
C PHE D 132 32.33 9.37 3.98
N ARG D 133 33.01 9.51 5.11
CA ARG D 133 33.49 10.79 5.67
C ARG D 133 34.99 10.64 5.85
N ASN D 134 35.78 11.47 5.17
CA ASN D 134 37.26 11.35 5.23
C ASN D 134 37.66 9.87 5.08
N GLY D 135 37.02 9.15 4.14
CA GLY D 135 37.47 7.82 3.68
C GLY D 135 36.99 6.70 4.57
N GLN D 136 36.13 6.99 5.56
CA GLN D 136 35.55 5.98 6.49
C GLN D 136 34.07 5.84 6.23
N GLU D 137 33.60 4.60 6.12
CA GLU D 137 32.18 4.34 5.81
C GLU D 137 31.31 4.84 6.96
N GLU D 138 30.21 5.53 6.65
CA GLU D 138 29.21 6.00 7.63
C GLU D 138 28.08 4.97 7.55
N LYS D 139 27.92 4.12 8.57
CA LYS D 139 26.90 3.03 8.62
C LYS D 139 25.69 3.48 9.44
N THR D 140 25.82 4.50 10.29
CA THR D 140 24.67 5.14 10.97
C THR D 140 24.29 6.48 10.31
N GLY D 141 23.04 6.89 10.50
CA GLY D 141 22.48 8.20 10.09
C GLY D 141 22.23 8.24 8.59
N VAL D 142 22.14 7.08 7.95
CA VAL D 142 21.84 6.97 6.51
C VAL D 142 20.34 6.70 6.33
N VAL D 143 19.67 7.56 5.58
CA VAL D 143 18.22 7.47 5.27
C VAL D 143 18.09 7.22 3.78
N SER D 144 17.53 6.08 3.38
CA SER D 144 17.37 5.75 1.95
C SER D 144 15.89 5.68 1.55
N THR D 145 15.56 6.16 0.36
CA THR D 145 14.27 5.95 -0.34
C THR D 145 14.17 4.48 -0.71
N GLY D 146 15.26 3.74 -0.76
CA GLY D 146 15.32 2.50 -1.54
C GLY D 146 15.10 2.74 -3.02
N LEU D 147 14.82 1.65 -3.73
CA LEU D 147 14.80 1.61 -5.20
C LEU D 147 13.47 2.20 -5.69
N ILE D 148 13.52 3.17 -6.60
CA ILE D 148 12.31 3.71 -7.26
C ILE D 148 12.38 3.29 -8.74
N GLN D 149 11.34 2.57 -9.18
CA GLN D 149 11.15 2.17 -10.59
C GLN D 149 10.44 3.35 -11.24
N ASN D 150 10.98 3.88 -12.32
CA ASN D 150 10.42 5.11 -12.95
C ASN D 150 9.39 4.72 -14.03
N GLY D 151 9.36 3.46 -14.45
CA GLY D 151 8.33 2.94 -15.38
C GLY D 151 8.74 3.05 -16.82
N ASP D 152 9.98 3.55 -17.05
CA ASP D 152 10.61 3.81 -18.37
C ASP D 152 11.93 3.04 -18.56
N TRP D 153 12.05 1.89 -17.90
CA TRP D 153 13.29 1.07 -17.88
C TRP D 153 14.47 1.82 -17.25
N THR D 154 14.21 2.70 -16.27
CA THR D 154 15.27 3.32 -15.46
C THR D 154 14.82 3.26 -14.02
N PHE D 155 15.78 3.32 -13.10
CA PHE D 155 15.52 3.49 -11.66
C PHE D 155 16.19 4.76 -11.10
N GLN D 156 15.84 5.13 -9.87
CA GLN D 156 16.58 6.12 -9.09
C GLN D 156 16.50 5.74 -7.64
N THR D 157 17.40 6.33 -6.86
CA THR D 157 17.45 6.15 -5.40
C THR D 157 18.13 7.40 -4.83
N LEU D 158 17.64 7.87 -3.69
CA LEU D 158 18.22 8.99 -2.91
C LEU D 158 18.65 8.42 -1.59
N VAL D 159 19.92 8.58 -1.26
CA VAL D 159 20.54 8.11 -0.01
C VAL D 159 21.10 9.35 0.68
N MET D 160 20.48 9.72 1.79
CA MET D 160 20.86 10.94 2.56
C MET D 160 21.71 10.57 3.78
N LEU D 161 22.71 11.39 4.08
CA LEU D 161 23.52 11.18 5.30
C LEU D 161 23.24 12.30 6.30
N GLU D 162 22.90 11.95 7.56
CA GLU D 162 22.81 12.98 8.61
C GLU D 162 24.22 13.35 9.04
N THR D 163 24.59 14.63 9.11
CA THR D 163 25.91 15.02 9.67
C THR D 163 25.88 16.45 10.21
N VAL D 164 26.95 16.84 10.90
CA VAL D 164 27.29 18.25 11.28
C VAL D 164 28.58 18.54 10.54
N PRO D 165 28.51 19.16 9.33
CA PRO D 165 29.69 19.46 8.53
C PRO D 165 30.59 20.47 9.26
N ARG D 166 31.88 20.13 9.27
CA ARG D 166 33.02 20.89 9.87
C ARG D 166 34.03 21.19 8.75
N SER D 167 35.00 22.08 9.00
CA SER D 167 35.83 22.69 7.94
C SER D 167 36.71 21.66 7.18
N GLY D 168 37.32 20.69 7.84
CA GLY D 168 38.28 19.83 7.08
C GLY D 168 37.60 18.86 6.13
N GLU D 169 36.32 18.58 6.30
CA GLU D 169 35.77 17.24 5.98
C GLU D 169 35.54 17.08 4.49
N VAL D 170 35.83 15.89 3.98
CA VAL D 170 35.39 15.43 2.63
C VAL D 170 34.45 14.23 2.80
N TYR D 171 33.26 14.34 2.20
CA TYR D 171 32.18 13.32 2.14
C TYR D 171 32.14 12.78 0.72
N THR D 172 32.13 11.45 0.61
CA THR D 172 32.11 10.77 -0.69
C THR D 172 30.91 9.84 -0.74
N CYS D 173 30.15 9.93 -1.81
CA CYS D 173 29.12 8.95 -2.13
C CYS D 173 29.73 7.98 -3.14
N GLN D 174 29.68 6.68 -2.83
CA GLN D 174 30.20 5.59 -3.68
C GLN D 174 29.07 4.68 -4.15
N VAL D 175 29.03 4.43 -5.46
CA VAL D 175 28.01 3.61 -6.15
C VAL D 175 28.69 2.42 -6.84
N GLU D 176 28.03 1.26 -6.73
CA GLU D 176 28.40 0.00 -7.41
C GLU D 176 27.16 -0.47 -8.15
N HIS D 177 27.32 -0.88 -9.39
CA HIS D 177 26.18 -1.17 -10.31
C HIS D 177 26.74 -2.03 -11.44
N PRO D 178 25.95 -3.01 -11.98
CA PRO D 178 26.45 -3.92 -13.01
C PRO D 178 27.04 -3.20 -14.25
N SER D 179 26.59 -1.98 -14.55
CA SER D 179 27.09 -1.12 -15.67
C SER D 179 28.52 -0.64 -15.39
N LEU D 180 28.99 -0.63 -14.14
CA LEU D 180 30.29 -0.06 -13.73
C LEU D 180 31.34 -1.15 -13.58
N THR D 181 32.52 -0.94 -14.14
CA THR D 181 33.67 -1.87 -14.03
C THR D 181 34.32 -1.64 -12.66
N SER D 182 34.31 -0.41 -12.15
CA SER D 182 34.84 -0.06 -10.80
C SER D 182 33.92 0.98 -10.16
N PRO D 183 33.98 1.15 -8.83
CA PRO D 183 32.98 1.95 -8.13
C PRO D 183 33.02 3.40 -8.60
N LEU D 184 31.87 4.04 -8.70
CA LEU D 184 31.73 5.47 -9.08
C LEU D 184 31.62 6.32 -7.81
N THR D 185 32.51 7.30 -7.61
CA THR D 185 32.52 8.14 -6.37
C THR D 185 32.34 9.61 -6.72
N VAL D 186 31.59 10.32 -5.90
CA VAL D 186 31.38 11.79 -6.01
C VAL D 186 31.63 12.42 -4.65
N GLU D 187 32.41 13.50 -4.61
CA GLU D 187 32.91 14.19 -3.39
C GLU D 187 32.04 15.39 -3.07
N TRP D 188 31.92 15.74 -1.79
CA TRP D 188 31.39 17.06 -1.34
C TRP D 188 32.34 17.56 -0.25
N ARG D 189 33.06 18.64 -0.53
CA ARG D 189 34.00 19.28 0.44
C ARG D 189 33.18 20.30 1.23
N ALA D 190 33.16 20.18 2.56
CA ALA D 190 32.28 20.96 3.46
C ALA D 190 32.44 22.44 3.11
N ARG D 191 31.36 23.14 2.72
CA ARG D 191 31.46 24.51 2.13
C ARG D 191 30.97 25.56 3.15
N ALA E 3 10.30 -16.00 -34.85
CA ALA E 3 11.38 -14.96 -34.60
C ALA E 3 10.97 -14.00 -33.48
N GLY E 4 9.67 -13.76 -33.34
CA GLY E 4 9.10 -12.78 -32.40
C GLY E 4 8.59 -13.46 -31.12
N PHE E 5 8.03 -12.67 -30.22
CA PHE E 5 7.47 -13.14 -28.92
C PHE E 5 6.27 -14.07 -29.18
N LYS E 6 6.20 -15.25 -28.55
CA LYS E 6 4.93 -16.02 -28.56
C LYS E 6 4.07 -15.62 -27.36
N GLY E 7 2.79 -15.35 -27.65
CA GLY E 7 1.67 -15.31 -26.69
C GLY E 7 1.24 -16.72 -26.34
N GLU E 8 1.14 -16.98 -25.05
CA GLU E 8 0.59 -18.23 -24.48
C GLU E 8 -0.92 -18.12 -24.53
N GLN E 9 -1.59 -19.12 -25.10
CA GLN E 9 -3.06 -19.15 -25.10
C GLN E 9 -3.53 -19.76 -23.78
N GLY E 10 -4.84 -19.79 -23.58
CA GLY E 10 -5.46 -20.31 -22.36
C GLY E 10 -6.83 -20.90 -22.66
N PRO E 11 -7.23 -21.99 -21.97
CA PRO E 11 -8.50 -22.67 -22.26
C PRO E 11 -9.69 -21.87 -21.71
N LYS E 12 -10.86 -22.15 -22.25
CA LYS E 12 -12.14 -21.62 -21.71
C LYS E 12 -12.53 -22.44 -20.47
N GLY E 13 -13.13 -21.76 -19.49
CA GLY E 13 -13.59 -22.37 -18.23
C GLY E 13 -14.78 -23.31 -18.42
N GLU E 14 -14.92 -24.25 -17.47
CA GLU E 14 -16.11 -25.10 -17.15
C GLU E 14 -17.39 -24.26 -17.06
N PRO E 15 -18.28 -24.22 -18.10
CA PRO E 15 -19.49 -23.42 -18.04
C PRO E 15 -20.49 -23.92 -17.00
N GLY F 1 -18.36 -1.20 34.00
CA GLY F 1 -19.07 -0.37 33.01
C GLY F 1 -20.53 -0.69 32.93
N ILE F 2 -21.23 -0.14 31.96
CA ILE F 2 -22.69 -0.33 31.78
C ILE F 2 -22.87 -1.81 31.42
N ALA F 3 -21.97 -2.34 30.58
CA ALA F 3 -22.14 -3.64 29.93
C ALA F 3 -20.82 -4.20 29.43
N GLY F 4 -20.80 -5.51 29.39
CA GLY F 4 -19.64 -6.30 28.98
C GLY F 4 -19.72 -6.60 27.50
N PHE F 5 -18.68 -6.28 26.73
CA PHE F 5 -18.51 -6.85 25.35
C PHE F 5 -18.59 -8.38 25.44
N LYS F 6 -19.26 -9.03 24.52
CA LYS F 6 -19.16 -10.50 24.28
C LYS F 6 -17.97 -10.81 23.33
N GLY F 7 -17.00 -11.61 23.77
CA GLY F 7 -16.06 -12.31 22.90
C GLY F 7 -16.72 -13.44 22.11
N GLU F 8 -16.72 -13.37 20.77
CA GLU F 8 -17.16 -14.52 19.92
C GLU F 8 -16.09 -15.64 20.01
N GLN F 9 -16.51 -16.83 20.38
CA GLN F 9 -15.55 -17.95 20.53
C GLN F 9 -15.36 -18.55 19.14
N GLY F 10 -14.29 -19.31 18.98
CA GLY F 10 -14.17 -20.13 17.77
C GLY F 10 -14.15 -21.62 18.07
N PRO F 11 -14.75 -22.43 17.16
CA PRO F 11 -14.71 -23.89 17.24
C PRO F 11 -13.29 -24.41 17.15
N LYS F 12 -13.06 -25.59 17.69
CA LYS F 12 -11.73 -26.24 17.58
C LYS F 12 -11.65 -26.87 16.18
N GLY F 13 -10.42 -27.01 15.65
CA GLY F 13 -10.15 -27.57 14.32
C GLY F 13 -10.20 -29.10 14.31
N GLU F 14 -10.77 -29.68 13.23
CA GLU F 14 -10.68 -31.12 12.85
C GLU F 14 -9.22 -31.57 12.95
N PRO F 15 -8.81 -32.46 13.90
CA PRO F 15 -7.39 -32.60 14.25
C PRO F 15 -6.55 -33.56 13.38
#